data_7PRZ
#
_entry.id   7PRZ
#
_cell.length_a   199.378
_cell.length_b   199.378
_cell.length_c   202.444
_cell.angle_alpha   90.000
_cell.angle_beta   90.000
_cell.angle_gamma   120.000
#
_symmetry.space_group_name_H-M   'H 3 2'
#
loop_
_entity.id
_entity.type
_entity.pdbx_description
1 polymer 'Beta-22 Fab heavy chain'
2 polymer 'Spike protein S1'
3 polymer 'Beta-22 Fab light chain'
4 branched 2-acetamido-2-deoxy-beta-D-glucopyranose-(1-4)-[alpha-L-fucopyranose-(1-6)]2-acetamido-2-deoxy-beta-D-glucopyranose
5 branched alpha-L-fucopyranose-(1-6)-2-acetamido-2-deoxy-beta-D-glucopyranose
6 non-polymer 'SULFATE ION'
#
loop_
_entity_poly.entity_id
_entity_poly.type
_entity_poly.pdbx_seq_one_letter_code
_entity_poly.pdbx_strand_id
1 'polypeptide(L)'
;EVQLVESGGGVVQPGRSLRLSCAASGFTFSNYGIHWVRQAPGKGLEWVAVISYDGSHKYYADSVKGRFTISRDNSKNTLY
LQMNSLKTEDTAVYYCAKDSSAAIPYYYYGMDVWGQGTTVTVSSASTKGPSVFPLAPSSKSTSGGTAALGCLVKDYFPEP
VTVSWNSGALTSGVHTFPAVLQSSGLYSLSSVVTVPSSSLGTQTYICNVNHKPSNTKVDKKVEPKSCDK
;
H
2 'polypeptide(L)'
;MGCVAETGHHHHHHTNLCPFGEVFNATRFASVYAWNRKRISNCVADYSVLYNSASFSTFKCYGVSPTKLNDLCFTNVYAD
SFVIRGDEVRQIAPGQTGNIADYNYKLPDDFTGCVIAWNSNNLDSKVGGNYNYLYRLFRKSNLKPFERDISTEIYQAGST
PCNGVKGFNCYFPLQSYGFQPTYGVGYQPYRVVVLSFELLHAPATVCGKK
;
E
3 'polypeptide(L)'
;AIQMTQSPDSLAVSLGERATINCKSSQSILYNSNNKTYLAWYQQKPGQPPKLLIFWASTRESGVPDRFSGSGSGTDFTLT
ISSLQAEDVAVYYCQQYYSIPLIFGPGTKVDIKRTVAAPSVFIFPPSDEQLKSGTASVVCLLNNFYPREAKVQWKVDNAL
QSGNSQESVTEQDSKDSTYSLSSTLTLSKADYEKHKVYACEVTHQGLSSPVTKSFNRGEC
;
L
#
loop_
_chem_comp.id
_chem_comp.type
_chem_comp.name
_chem_comp.formula
FUC L-saccharide, alpha linking alpha-L-fucopyranose 'C6 H12 O5'
NAG D-saccharide, beta linking 2-acetamido-2-deoxy-beta-D-glucopyranose 'C8 H15 N O6'
SO4 non-polymer 'SULFATE ION' 'O4 S -2'
#
# COMPACT_ATOMS: atom_id res chain seq x y z
N GLU A 1 5.52 -1.88 -14.07
CA GLU A 1 4.78 -2.59 -15.10
C GLU A 1 4.27 -3.93 -14.58
N VAL A 2 4.43 -4.15 -13.27
CA VAL A 2 3.93 -5.34 -12.59
C VAL A 2 2.64 -4.99 -11.89
N GLN A 3 1.70 -5.93 -11.87
CA GLN A 3 0.40 -5.65 -11.29
C GLN A 3 -0.29 -6.94 -10.86
N LEU A 4 -1.07 -6.82 -9.80
CA LEU A 4 -1.96 -7.88 -9.33
C LEU A 4 -3.39 -7.41 -9.48
N VAL A 5 -4.24 -8.26 -10.05
CA VAL A 5 -5.63 -7.89 -10.35
C VAL A 5 -6.55 -8.86 -9.63
N GLU A 6 -7.25 -8.37 -8.61
CA GLU A 6 -8.25 -9.20 -7.94
C GLU A 6 -9.47 -9.37 -8.84
N SER A 7 -10.33 -10.31 -8.45
CA SER A 7 -11.50 -10.66 -9.26
C SER A 7 -12.44 -11.52 -8.44
N GLY A 8 -13.69 -11.58 -8.87
CA GLY A 8 -14.66 -12.50 -8.29
C GLY A 8 -15.47 -11.96 -7.14
N GLY A 9 -15.26 -10.71 -6.73
CA GLY A 9 -16.04 -10.15 -5.65
C GLY A 9 -17.46 -9.86 -6.07
N GLY A 10 -18.33 -9.72 -5.06
CA GLY A 10 -19.72 -9.39 -5.33
C GLY A 10 -20.54 -9.48 -4.04
N VAL A 11 -21.85 -9.61 -4.23
CA VAL A 11 -22.79 -9.74 -3.13
C VAL A 11 -23.10 -11.22 -2.93
N VAL A 12 -23.13 -11.65 -1.67
CA VAL A 12 -23.35 -13.04 -1.31
C VAL A 12 -24.19 -13.09 -0.05
N GLN A 13 -25.19 -13.96 -0.02
CA GLN A 13 -26.01 -14.12 1.16
C GLN A 13 -25.19 -14.71 2.31
N PRO A 14 -25.55 -14.44 3.55
CA PRO A 14 -24.79 -15.01 4.68
C PRO A 14 -24.81 -16.53 4.65
N GLY A 15 -23.65 -17.13 4.92
CA GLY A 15 -23.51 -18.57 4.91
C GLY A 15 -23.19 -19.19 3.57
N ARG A 16 -23.39 -18.46 2.48
CA ARG A 16 -23.12 -18.95 1.14
C ARG A 16 -21.62 -18.85 0.82
N SER A 17 -21.21 -19.44 -0.30
CA SER A 17 -19.81 -19.51 -0.68
C SER A 17 -19.53 -18.60 -1.87
N LEU A 18 -18.26 -18.20 -1.98
CA LEU A 18 -17.79 -17.32 -3.05
C LEU A 18 -16.29 -17.46 -3.18
N ARG A 19 -15.80 -17.53 -4.42
CA ARG A 19 -14.38 -17.74 -4.70
C ARG A 19 -13.78 -16.51 -5.36
N LEU A 20 -12.75 -15.95 -4.74
CA LEU A 20 -12.01 -14.83 -5.30
C LEU A 20 -10.76 -15.33 -6.02
N SER A 21 -10.32 -14.58 -7.02
CA SER A 21 -9.10 -14.90 -7.74
C SER A 21 -8.30 -13.63 -7.99
N CYS A 22 -6.98 -13.78 -8.10
CA CYS A 22 -6.06 -12.66 -8.28
C CYS A 22 -5.02 -13.05 -9.32
N ALA A 23 -4.94 -12.28 -10.40
CA ALA A 23 -4.05 -12.58 -11.51
C ALA A 23 -2.83 -11.68 -11.47
N ALA A 24 -1.65 -12.26 -11.66
CA ALA A 24 -0.39 -11.55 -11.58
C ALA A 24 0.31 -11.55 -12.92
N SER A 25 1.09 -10.51 -13.16
CA SER A 25 1.86 -10.39 -14.39
C SER A 25 3.02 -9.44 -14.14
N GLY A 26 3.98 -9.45 -15.07
CA GLY A 26 5.14 -8.59 -14.98
C GLY A 26 6.31 -9.14 -14.18
N PHE A 27 6.10 -10.22 -13.43
CA PHE A 27 7.17 -10.83 -12.65
C PHE A 27 6.95 -12.33 -12.61
N THR A 28 8.02 -13.08 -12.35
CA THR A 28 7.92 -14.53 -12.24
C THR A 28 7.05 -14.90 -11.05
N PHE A 29 5.79 -15.24 -11.32
CA PHE A 29 4.81 -15.48 -10.27
C PHE A 29 5.18 -16.67 -9.39
N SER A 30 5.88 -17.66 -9.96
CA SER A 30 6.15 -18.87 -9.20
C SER A 30 7.34 -18.75 -8.25
N ASN A 31 7.94 -17.57 -8.12
CA ASN A 31 9.08 -17.37 -7.23
C ASN A 31 8.72 -16.74 -5.90
N TYR A 32 7.51 -16.20 -5.77
CA TYR A 32 7.14 -15.44 -4.59
C TYR A 32 5.82 -15.97 -4.03
N GLY A 33 5.72 -15.98 -2.71
CA GLY A 33 4.45 -16.29 -2.09
C GLY A 33 3.50 -15.12 -2.17
N ILE A 34 2.21 -15.40 -2.02
CA ILE A 34 1.19 -14.36 -2.06
C ILE A 34 0.34 -14.43 -0.80
N HIS A 35 -0.17 -13.27 -0.39
CA HIS A 35 -1.05 -13.16 0.76
C HIS A 35 -2.42 -12.66 0.33
N TRP A 36 -3.40 -12.83 1.21
CA TRP A 36 -4.67 -12.16 1.13
C TRP A 36 -4.83 -11.31 2.38
N VAL A 37 -5.09 -10.01 2.19
CA VAL A 37 -5.34 -9.08 3.27
C VAL A 37 -6.66 -8.39 2.98
N ARG A 38 -7.56 -8.38 3.95
CA ARG A 38 -8.85 -7.74 3.79
C ARG A 38 -8.97 -6.52 4.68
N GLN A 39 -9.95 -5.67 4.35
CA GLN A 39 -10.13 -4.41 5.06
C GLN A 39 -11.62 -4.12 5.13
N ALA A 40 -12.18 -4.16 6.34
CA ALA A 40 -13.56 -3.78 6.55
C ALA A 40 -13.73 -2.30 6.20
N PRO A 41 -14.95 -1.90 5.85
CA PRO A 41 -15.20 -0.48 5.53
C PRO A 41 -14.82 0.42 6.70
N GLY A 42 -13.87 1.30 6.46
CA GLY A 42 -13.46 2.25 7.48
C GLY A 42 -12.74 1.64 8.65
N LYS A 43 -12.10 0.49 8.47
CA LYS A 43 -11.38 -0.17 9.54
C LYS A 43 -10.00 -0.57 9.04
N GLY A 44 -9.13 -0.94 9.98
CA GLY A 44 -7.75 -1.20 9.66
C GLY A 44 -7.57 -2.46 8.83
N LEU A 45 -6.32 -2.65 8.40
CA LEU A 45 -5.97 -3.83 7.62
C LEU A 45 -5.98 -5.07 8.51
N GLU A 46 -6.50 -6.17 7.96
CA GLU A 46 -6.50 -7.45 8.64
C GLU A 46 -5.93 -8.50 7.71
N TRP A 47 -4.97 -9.28 8.20
CA TRP A 47 -4.37 -10.34 7.42
C TRP A 47 -5.29 -11.55 7.40
N VAL A 48 -5.34 -12.23 6.25
CA VAL A 48 -6.26 -13.35 6.07
C VAL A 48 -5.50 -14.66 5.92
N ALA A 49 -4.79 -14.82 4.80
CA ALA A 49 -4.15 -16.09 4.50
C ALA A 49 -2.86 -15.85 3.72
N VAL A 50 -2.09 -16.92 3.54
CA VAL A 50 -0.85 -16.88 2.77
C VAL A 50 -0.61 -18.27 2.19
N ILE A 51 0.07 -18.30 1.05
CA ILE A 51 0.46 -19.56 0.42
C ILE A 51 1.88 -19.41 -0.09
N SER A 52 2.70 -20.44 0.13
CA SER A 52 4.10 -20.39 -0.23
C SER A 52 4.27 -20.35 -1.75
N TYR A 53 5.52 -20.26 -2.20
CA TYR A 53 5.80 -20.15 -3.63
C TYR A 53 5.62 -21.48 -4.37
N ASP A 54 5.10 -22.51 -3.72
CA ASP A 54 4.81 -23.78 -4.37
C ASP A 54 3.50 -24.41 -3.92
N GLY A 55 2.83 -23.86 -2.91
CA GLY A 55 1.60 -24.43 -2.39
C GLY A 55 1.78 -25.34 -1.20
N SER A 56 3.03 -25.58 -0.77
CA SER A 56 3.27 -26.49 0.34
C SER A 56 2.74 -25.91 1.65
N HIS A 57 3.05 -24.64 1.93
CA HIS A 57 2.65 -23.99 3.17
C HIS A 57 1.46 -23.09 2.91
N LYS A 58 0.37 -23.34 3.62
CA LYS A 58 -0.83 -22.50 3.58
C LYS A 58 -1.26 -22.27 5.02
N TYR A 59 -1.27 -21.01 5.44
CA TYR A 59 -1.73 -20.66 6.78
C TYR A 59 -2.82 -19.61 6.68
N TYR A 60 -3.70 -19.60 7.67
CA TYR A 60 -4.90 -18.77 7.64
C TYR A 60 -5.01 -17.98 8.94
N ALA A 61 -5.93 -17.01 8.94
CA ALA A 61 -6.19 -16.23 10.13
C ALA A 61 -7.14 -16.97 11.06
N ASP A 62 -7.02 -16.69 12.36
CA ASP A 62 -7.86 -17.35 13.34
C ASP A 62 -9.34 -17.05 13.12
N SER A 63 -9.64 -15.90 12.51
CA SER A 63 -11.03 -15.52 12.26
C SER A 63 -11.60 -16.18 11.01
N VAL A 64 -10.78 -16.82 10.19
CA VAL A 64 -11.26 -17.44 8.95
C VAL A 64 -10.75 -18.86 8.85
N LYS A 65 -10.12 -19.35 9.92
CA LYS A 65 -9.54 -20.69 9.89
C LYS A 65 -10.63 -21.74 9.68
N GLY A 66 -10.35 -22.69 8.80
CA GLY A 66 -11.29 -23.73 8.47
C GLY A 66 -12.47 -23.30 7.64
N ARG A 67 -12.64 -22.00 7.40
CA ARG A 67 -13.69 -21.52 6.52
C ARG A 67 -13.17 -21.08 5.15
N PHE A 68 -11.91 -20.65 5.07
CA PHE A 68 -11.29 -20.23 3.83
C PHE A 68 -10.29 -21.27 3.35
N THR A 69 -10.00 -21.23 2.04
CA THR A 69 -9.12 -22.21 1.39
C THR A 69 -8.32 -21.50 0.32
N ILE A 70 -7.01 -21.32 0.56
CA ILE A 70 -6.13 -20.62 -0.36
C ILE A 70 -5.44 -21.65 -1.27
N SER A 71 -5.22 -21.25 -2.52
CA SER A 71 -4.66 -22.12 -3.54
C SER A 71 -4.10 -21.25 -4.65
N ARG A 72 -3.21 -21.83 -5.45
CA ARG A 72 -2.60 -21.11 -6.56
C ARG A 72 -2.39 -22.06 -7.73
N ASP A 73 -2.08 -21.48 -8.90
CA ASP A 73 -1.93 -22.20 -10.17
C ASP A 73 -0.79 -21.52 -10.94
N ASN A 74 0.45 -21.91 -10.62
CA ASN A 74 1.60 -21.24 -11.20
C ASN A 74 1.70 -21.42 -12.71
N SER A 75 0.97 -22.37 -13.28
CA SER A 75 0.96 -22.50 -14.74
C SER A 75 0.14 -21.41 -15.41
N LYS A 76 -0.90 -20.92 -14.74
CA LYS A 76 -1.76 -19.87 -15.27
C LYS A 76 -1.53 -18.52 -14.59
N ASN A 77 -0.53 -18.43 -13.70
CA ASN A 77 -0.19 -17.19 -12.99
C ASN A 77 -1.41 -16.62 -12.28
N THR A 78 -2.01 -17.43 -11.43
CA THR A 78 -3.24 -17.03 -10.75
C THR A 78 -3.29 -17.66 -9.36
N LEU A 79 -3.81 -16.91 -8.41
CA LEU A 79 -4.01 -17.39 -7.05
C LEU A 79 -5.49 -17.23 -6.69
N TYR A 80 -5.99 -18.13 -5.84
CA TYR A 80 -7.40 -18.18 -5.51
C TYR A 80 -7.62 -18.16 -4.00
N LEU A 81 -8.83 -17.76 -3.61
CA LEU A 81 -9.27 -17.82 -2.23
C LEU A 81 -10.71 -18.30 -2.21
N GLN A 82 -10.95 -19.41 -1.50
CA GLN A 82 -12.25 -20.06 -1.46
C GLN A 82 -12.90 -19.79 -0.10
N MET A 83 -13.93 -18.96 -0.09
CA MET A 83 -14.60 -18.55 1.14
C MET A 83 -15.92 -19.30 1.27
N ASN A 84 -16.14 -19.91 2.43
CA ASN A 84 -17.37 -20.62 2.72
C ASN A 84 -17.88 -20.20 4.10
N SER A 85 -19.19 -20.33 4.29
CA SER A 85 -19.86 -19.93 5.53
C SER A 85 -19.57 -18.46 5.84
N LEU A 86 -19.77 -17.62 4.83
CA LEU A 86 -19.47 -16.20 4.95
C LEU A 86 -20.35 -15.53 6.00
N LYS A 87 -19.78 -14.57 6.72
CA LYS A 87 -20.50 -13.79 7.70
C LYS A 87 -20.56 -12.34 7.26
N THR A 88 -21.50 -11.58 7.84
CA THR A 88 -21.50 -10.14 7.59
C THR A 88 -20.21 -9.49 8.08
N GLU A 89 -19.50 -10.13 9.01
CA GLU A 89 -18.19 -9.66 9.46
C GLU A 89 -17.10 -9.96 8.46
N ASP A 90 -17.39 -10.68 7.39
CA ASP A 90 -16.43 -10.89 6.32
C ASP A 90 -16.55 -9.87 5.21
N THR A 91 -17.60 -9.04 5.23
CA THR A 91 -17.76 -7.99 4.23
C THR A 91 -16.59 -7.03 4.29
N ALA A 92 -15.83 -6.95 3.20
CA ALA A 92 -14.62 -6.13 3.16
C ALA A 92 -14.10 -6.10 1.73
N VAL A 93 -13.02 -5.35 1.54
CA VAL A 93 -12.24 -5.36 0.30
C VAL A 93 -11.10 -6.36 0.50
N TYR A 94 -10.84 -7.18 -0.51
CA TYR A 94 -9.85 -8.24 -0.41
C TYR A 94 -8.71 -7.93 -1.39
N TYR A 95 -7.54 -7.66 -0.83
CA TYR A 95 -6.31 -7.43 -1.60
C TYR A 95 -5.44 -8.68 -1.59
N CYS A 96 -4.83 -8.96 -2.73
CA CYS A 96 -3.76 -9.95 -2.80
C CYS A 96 -2.42 -9.22 -2.77
N ALA A 97 -1.53 -9.65 -1.89
CA ALA A 97 -0.28 -8.95 -1.62
C ALA A 97 0.86 -9.90 -1.92
N LYS A 98 1.63 -9.58 -2.96
CA LYS A 98 2.79 -10.37 -3.31
C LYS A 98 3.87 -10.24 -2.23
N ASP A 99 4.43 -11.36 -1.81
CA ASP A 99 5.55 -11.33 -0.88
C ASP A 99 6.86 -11.15 -1.64
N SER A 100 7.92 -10.82 -0.90
CA SER A 100 9.22 -10.57 -1.50
C SER A 100 10.08 -11.82 -1.67
N SER A 101 9.73 -12.92 -1.00
CA SER A 101 10.49 -14.16 -1.15
C SER A 101 9.78 -15.36 -0.54
N ALA A 102 9.09 -16.14 -1.36
CA ALA A 102 8.52 -17.43 -0.93
C ALA A 102 7.59 -17.17 0.26
N ALA A 103 7.45 -18.16 1.15
CA ALA A 103 6.61 -18.02 2.33
C ALA A 103 6.78 -19.19 3.30
N ILE A 104 8.03 -19.57 3.56
CA ILE A 104 8.37 -20.57 4.57
C ILE A 104 8.53 -19.83 5.90
N PRO A 105 7.97 -20.37 7.03
CA PRO A 105 7.87 -19.62 8.29
C PRO A 105 8.79 -18.43 8.49
N TYR A 106 10.10 -18.61 8.34
CA TYR A 106 11.04 -17.53 8.58
C TYR A 106 11.47 -16.82 7.31
N TYR A 107 10.84 -17.12 6.18
CA TYR A 107 11.13 -16.39 4.94
C TYR A 107 9.93 -15.59 4.47
N TYR A 108 9.40 -14.75 5.36
CA TYR A 108 8.45 -13.70 5.00
C TYR A 108 9.22 -12.39 4.97
N TYR A 109 9.38 -11.80 3.79
CA TYR A 109 10.13 -10.57 3.66
C TYR A 109 9.24 -9.34 3.55
N GLY A 110 7.96 -9.47 3.87
CA GLY A 110 7.01 -8.41 3.67
C GLY A 110 6.47 -8.38 2.24
N MET A 111 5.34 -7.71 2.07
CA MET A 111 4.62 -7.68 0.82
C MET A 111 4.82 -6.33 0.13
N ASP A 112 5.36 -6.37 -1.09
CA ASP A 112 5.77 -5.18 -1.82
C ASP A 112 4.82 -4.75 -2.93
N VAL A 113 4.11 -5.69 -3.56
CA VAL A 113 3.17 -5.39 -4.64
C VAL A 113 1.76 -5.73 -4.17
N TRP A 114 0.81 -4.81 -4.38
CA TRP A 114 -0.57 -5.00 -3.99
C TRP A 114 -1.50 -4.71 -5.15
N GLY A 115 -2.67 -5.36 -5.12
CA GLY A 115 -3.67 -5.17 -6.14
C GLY A 115 -4.68 -4.10 -5.75
N GLN A 116 -5.45 -3.66 -6.74
CA GLN A 116 -6.46 -2.66 -6.48
C GLN A 116 -7.48 -3.14 -5.46
N GLY A 117 -7.79 -4.44 -5.47
CA GLY A 117 -8.69 -5.01 -4.48
C GLY A 117 -10.12 -5.12 -4.94
N THR A 118 -10.68 -6.32 -4.87
CA THR A 118 -12.08 -6.54 -5.17
C THR A 118 -12.90 -6.55 -3.89
N THR A 119 -14.18 -6.17 -4.03
CA THR A 119 -15.05 -5.91 -2.90
C THR A 119 -16.04 -7.06 -2.70
N VAL A 120 -16.26 -7.44 -1.45
CA VAL A 120 -17.12 -8.56 -1.09
C VAL A 120 -18.13 -8.09 -0.05
N THR A 121 -19.41 -8.18 -0.38
CA THR A 121 -20.51 -7.77 0.49
C THR A 121 -21.31 -9.00 0.89
N VAL A 122 -21.52 -9.18 2.20
CA VAL A 122 -22.27 -10.32 2.73
C VAL A 122 -23.45 -9.78 3.53
N SER A 123 -24.64 -9.85 2.95
CA SER A 123 -25.84 -9.31 3.57
C SER A 123 -27.06 -9.97 2.96
N SER A 124 -28.06 -10.23 3.81
CA SER A 124 -29.35 -10.78 3.39
C SER A 124 -30.22 -9.63 2.88
N ALA A 125 -29.98 -9.26 1.63
CA ALA A 125 -30.67 -8.12 1.03
C ALA A 125 -30.78 -8.31 -0.47
N SER A 126 -31.70 -7.56 -1.06
CA SER A 126 -32.00 -7.60 -2.48
C SER A 126 -31.60 -6.29 -3.14
N THR A 127 -31.54 -6.32 -4.48
CA THR A 127 -31.12 -5.17 -5.26
C THR A 127 -32.24 -4.14 -5.28
N LYS A 128 -31.96 -2.93 -4.81
CA LYS A 128 -32.96 -1.87 -4.73
C LYS A 128 -32.33 -0.54 -5.11
N GLY A 129 -33.02 0.22 -5.97
CA GLY A 129 -32.60 1.55 -6.32
C GLY A 129 -32.85 2.54 -5.20
N PRO A 130 -32.21 3.71 -5.29
CA PRO A 130 -32.30 4.68 -4.19
C PRO A 130 -33.45 5.67 -4.36
N SER A 131 -33.88 6.20 -3.22
CA SER A 131 -34.89 7.26 -3.17
C SER A 131 -34.18 8.59 -2.91
N VAL A 132 -34.23 9.49 -3.88
CA VAL A 132 -33.50 10.75 -3.84
C VAL A 132 -34.43 11.84 -3.31
N PHE A 133 -34.15 12.34 -2.10
CA PHE A 133 -34.95 13.37 -1.47
C PHE A 133 -34.17 14.67 -1.38
N PRO A 134 -34.81 15.80 -1.64
CA PRO A 134 -34.11 17.08 -1.62
C PRO A 134 -33.78 17.53 -0.21
N LEU A 135 -32.78 18.41 -0.10
CA LEU A 135 -32.37 19.03 1.17
C LEU A 135 -32.49 20.53 0.96
N ALA A 136 -33.60 21.08 1.42
CA ALA A 136 -33.95 22.43 1.00
C ALA A 136 -33.11 23.47 1.75
N PRO A 137 -32.70 24.54 1.11
CA PRO A 137 -31.98 25.58 1.87
C PRO A 137 -32.91 26.65 2.45
N SER A 138 -33.32 26.49 3.70
CA SER A 138 -34.28 27.42 4.30
C SER A 138 -33.54 28.59 4.95
N SER A 139 -34.27 29.45 5.66
CA SER A 139 -33.68 30.61 6.32
C SER A 139 -32.71 30.20 7.42
N THR A 142 -28.90 28.51 6.43
CA THR A 142 -28.00 29.50 5.85
C THR A 142 -26.89 29.90 6.83
N SER A 143 -26.14 30.93 6.46
CA SER A 143 -25.08 31.45 7.32
C SER A 143 -24.74 32.89 6.95
N GLY A 144 -23.45 33.23 6.92
CA GLY A 144 -23.03 34.57 6.60
C GLY A 144 -22.83 34.78 5.11
N GLY A 145 -23.92 34.67 4.35
CA GLY A 145 -23.87 34.82 2.91
C GLY A 145 -23.62 33.55 2.14
N THR A 146 -23.35 32.43 2.83
CA THR A 146 -23.14 31.14 2.18
C THR A 146 -24.18 30.16 2.71
N ALA A 147 -25.12 29.76 1.86
CA ALA A 147 -26.10 28.74 2.18
C ALA A 147 -25.73 27.43 1.52
N ALA A 148 -26.36 26.35 1.98
CA ALA A 148 -26.06 25.01 1.51
C ALA A 148 -27.34 24.29 1.10
N LEU A 149 -27.18 23.33 0.20
CA LEU A 149 -28.26 22.49 -0.30
C LEU A 149 -27.67 21.15 -0.68
N GLY A 150 -28.53 20.16 -0.89
CA GLY A 150 -28.02 18.85 -1.23
C GLY A 150 -29.13 17.86 -1.54
N CYS A 151 -28.71 16.63 -1.80
CA CYS A 151 -29.59 15.51 -2.09
C CYS A 151 -29.36 14.40 -1.08
N LEU A 152 -30.44 13.75 -0.65
CA LEU A 152 -30.37 12.64 0.28
C LEU A 152 -30.68 11.35 -0.47
N VAL A 153 -29.63 10.58 -0.76
CA VAL A 153 -29.75 9.32 -1.47
C VAL A 153 -29.91 8.23 -0.40
N LYS A 154 -31.15 7.81 -0.17
CA LYS A 154 -31.49 6.96 0.95
C LYS A 154 -32.03 5.61 0.47
N ASP A 155 -31.61 4.55 1.15
CA ASP A 155 -32.10 3.19 0.95
C ASP A 155 -31.80 2.66 -0.44
N TYR A 156 -30.67 1.95 -0.57
CA TYR A 156 -30.29 1.31 -1.82
C TYR A 156 -29.31 0.19 -1.50
N PHE A 157 -29.19 -0.74 -2.45
CA PHE A 157 -28.30 -1.88 -2.25
C PHE A 157 -28.02 -2.53 -3.59
N PRO A 158 -26.77 -2.91 -3.88
CA PRO A 158 -25.63 -2.64 -3.00
C PRO A 158 -24.86 -1.38 -3.40
N GLU A 159 -23.67 -1.22 -2.84
CA GLU A 159 -22.80 -0.13 -3.23
C GLU A 159 -22.40 -0.28 -4.69
N PRO A 160 -22.06 0.83 -5.38
CA PRO A 160 -22.10 2.20 -4.87
C PRO A 160 -23.05 3.08 -5.67
N VAL A 161 -23.02 4.38 -5.37
CA VAL A 161 -23.76 5.38 -6.14
C VAL A 161 -22.81 6.50 -6.52
N THR A 162 -23.07 7.13 -7.66
CA THR A 162 -22.32 8.30 -8.12
C THR A 162 -23.30 9.47 -8.20
N VAL A 163 -22.97 10.56 -7.51
CA VAL A 163 -23.80 11.75 -7.47
C VAL A 163 -23.03 12.87 -8.14
N SER A 164 -23.54 13.33 -9.28
CA SER A 164 -23.03 14.52 -9.94
C SER A 164 -24.04 15.65 -9.79
N TRP A 165 -23.55 16.88 -9.93
CA TRP A 165 -24.37 18.07 -9.79
C TRP A 165 -24.41 18.84 -11.09
N ASN A 166 -25.63 19.17 -11.53
CA ASN A 166 -25.85 19.89 -12.79
C ASN A 166 -25.15 19.21 -13.96
N SER A 167 -25.18 17.87 -13.95
CA SER A 167 -24.62 17.05 -15.02
C SER A 167 -23.13 17.32 -15.21
N GLY A 168 -22.42 17.49 -14.10
CA GLY A 168 -20.99 17.72 -14.11
C GLY A 168 -20.56 19.15 -14.06
N ALA A 169 -21.49 20.11 -14.06
CA ALA A 169 -21.14 21.52 -14.07
C ALA A 169 -20.74 22.01 -12.69
N LEU A 170 -21.67 21.97 -11.74
CA LEU A 170 -21.40 22.45 -10.38
C LEU A 170 -20.45 21.50 -9.68
N THR A 171 -19.25 21.98 -9.36
CA THR A 171 -18.21 21.14 -8.78
C THR A 171 -17.58 21.76 -7.53
N SER A 172 -17.38 23.07 -7.50
CA SER A 172 -16.73 23.69 -6.36
C SER A 172 -17.67 23.72 -5.16
N GLY A 173 -17.09 23.56 -3.98
CA GLY A 173 -17.86 23.54 -2.74
C GLY A 173 -18.80 22.37 -2.61
N VAL A 174 -18.58 21.30 -3.36
CA VAL A 174 -19.44 20.13 -3.31
C VAL A 174 -18.82 19.09 -2.40
N HIS A 175 -19.64 18.49 -1.53
CA HIS A 175 -19.19 17.44 -0.62
C HIS A 175 -20.16 16.27 -0.72
N THR A 176 -19.71 15.19 -1.36
CA THR A 176 -20.47 13.95 -1.38
C THR A 176 -19.97 13.07 -0.23
N PHE A 177 -20.84 12.77 0.69
CA PHE A 177 -20.37 12.05 1.86
C PHE A 177 -20.37 10.54 1.63
N PRO A 178 -19.46 9.82 2.28
CA PRO A 178 -19.47 8.36 2.16
C PRO A 178 -20.76 7.79 2.73
N ALA A 179 -21.15 6.64 2.20
CA ALA A 179 -22.43 6.04 2.58
C ALA A 179 -22.36 5.45 3.98
N VAL A 180 -23.54 5.22 4.55
CA VAL A 180 -23.68 4.56 5.85
C VAL A 180 -24.67 3.41 5.69
N LEU A 181 -24.37 2.29 6.35
CA LEU A 181 -25.23 1.12 6.33
C LEU A 181 -26.26 1.24 7.44
N GLN A 182 -27.53 1.25 7.06
CA GLN A 182 -28.61 1.33 8.03
C GLN A 182 -28.91 -0.06 8.59
N SER A 183 -29.70 -0.09 9.67
CA SER A 183 -30.10 -1.36 10.27
C SER A 183 -31.01 -2.17 9.38
N SER A 184 -31.56 -1.56 8.32
CA SER A 184 -32.40 -2.25 7.36
C SER A 184 -31.61 -3.06 6.36
N GLY A 185 -30.28 -2.98 6.39
CA GLY A 185 -29.45 -3.61 5.39
C GLY A 185 -29.21 -2.78 4.15
N LEU A 186 -29.80 -1.60 4.07
CA LEU A 186 -29.66 -0.69 2.94
C LEU A 186 -28.78 0.48 3.33
N TYR A 187 -28.18 1.11 2.31
CA TYR A 187 -27.26 2.22 2.51
C TYR A 187 -28.00 3.56 2.43
N SER A 188 -27.36 4.59 2.95
CA SER A 188 -27.86 5.96 2.86
C SER A 188 -26.68 6.91 2.68
N LEU A 189 -26.84 7.88 1.78
CA LEU A 189 -25.73 8.73 1.41
C LEU A 189 -26.26 10.13 1.10
N SER A 190 -25.57 11.15 1.61
CA SER A 190 -25.94 12.53 1.36
C SER A 190 -24.82 13.24 0.63
N SER A 191 -25.19 14.13 -0.28
CA SER A 191 -24.25 14.93 -1.05
C SER A 191 -24.73 16.38 -1.04
N VAL A 192 -23.89 17.27 -0.53
CA VAL A 192 -24.26 18.67 -0.34
C VAL A 192 -23.38 19.55 -1.24
N VAL A 193 -23.73 20.83 -1.27
CA VAL A 193 -22.95 21.84 -1.98
C VAL A 193 -23.27 23.19 -1.33
N THR A 194 -22.22 23.99 -1.12
CA THR A 194 -22.36 25.31 -0.52
C THR A 194 -22.22 26.37 -1.61
N VAL A 195 -23.18 27.28 -1.67
CA VAL A 195 -23.23 28.34 -2.66
C VAL A 195 -23.34 29.66 -1.92
N PRO A 196 -23.01 30.78 -2.57
CA PRO A 196 -23.31 32.09 -1.98
C PRO A 196 -24.81 32.32 -1.87
N SER A 197 -25.24 32.91 -0.74
CA SER A 197 -26.67 33.08 -0.50
C SER A 197 -27.35 34.00 -1.51
N SER A 198 -26.56 34.80 -2.23
CA SER A 198 -27.10 35.78 -3.17
C SER A 198 -27.56 35.15 -4.48
N SER A 199 -27.12 33.94 -4.81
CA SER A 199 -27.47 33.29 -6.06
C SER A 199 -28.43 32.13 -5.88
N LEU A 200 -29.02 31.98 -4.69
CA LEU A 200 -29.80 30.79 -4.37
C LEU A 200 -30.95 30.57 -5.33
N GLY A 201 -31.51 31.65 -5.91
CA GLY A 201 -32.56 31.47 -6.88
C GLY A 201 -32.04 31.49 -8.31
N THR A 202 -30.93 32.21 -8.51
CA THR A 202 -30.35 32.48 -9.82
C THR A 202 -29.73 31.28 -10.46
N GLN A 203 -30.03 30.09 -9.94
CA GLN A 203 -29.37 28.87 -10.40
C GLN A 203 -30.23 27.71 -9.95
N THR A 204 -30.85 27.03 -10.91
CA THR A 204 -31.60 25.82 -10.59
C THR A 204 -30.62 24.69 -10.33
N TYR A 205 -30.68 24.12 -9.14
CA TYR A 205 -29.73 23.11 -8.71
C TYR A 205 -30.35 21.71 -8.87
N ILE A 206 -29.62 20.83 -9.55
CA ILE A 206 -30.11 19.47 -9.82
C ILE A 206 -28.97 18.49 -9.58
N CYS A 207 -29.24 17.45 -8.79
CA CYS A 207 -28.29 16.37 -8.59
C CYS A 207 -28.67 15.19 -9.47
N ASN A 208 -27.66 14.51 -10.01
CA ASN A 208 -27.85 13.33 -10.83
C ASN A 208 -27.36 12.13 -10.03
N VAL A 209 -28.29 11.28 -9.61
CA VAL A 209 -27.97 10.08 -8.88
C VAL A 209 -27.95 8.91 -9.87
N ASN A 210 -26.86 8.16 -9.88
CA ASN A 210 -26.69 7.03 -10.76
C ASN A 210 -26.44 5.79 -9.91
N HIS A 211 -27.25 4.75 -10.11
CA HIS A 211 -27.12 3.49 -9.38
C HIS A 211 -27.17 2.37 -10.41
N LYS A 212 -25.99 1.92 -10.85
CA LYS A 212 -25.93 0.89 -11.87
C LYS A 212 -26.52 -0.46 -11.43
N PRO A 213 -26.35 -0.93 -10.18
CA PRO A 213 -26.92 -2.24 -9.82
C PRO A 213 -28.40 -2.43 -10.15
N SER A 214 -29.18 -1.35 -10.20
CA SER A 214 -30.60 -1.47 -10.49
C SER A 214 -31.03 -0.66 -11.71
N ASN A 215 -30.08 -0.20 -12.52
CA ASN A 215 -30.37 0.60 -13.72
C ASN A 215 -31.24 1.81 -13.37
N THR A 216 -30.83 2.50 -12.31
CA THR A 216 -31.58 3.64 -11.79
C THR A 216 -30.76 4.91 -12.00
N LYS A 217 -31.27 5.81 -12.83
CA LYS A 217 -30.70 7.14 -13.01
C LYS A 217 -31.80 8.13 -12.68
N VAL A 218 -31.67 8.80 -11.54
CA VAL A 218 -32.69 9.70 -11.02
C VAL A 218 -32.12 11.11 -10.95
N ASP A 219 -32.87 12.09 -11.44
CA ASP A 219 -32.54 13.49 -11.33
C ASP A 219 -33.56 14.16 -10.42
N LYS A 220 -33.09 14.97 -9.46
CA LYS A 220 -33.95 15.61 -8.48
C LYS A 220 -33.59 17.08 -8.39
N LYS A 221 -34.57 17.95 -8.64
CA LYS A 221 -34.34 19.39 -8.57
C LYS A 221 -34.51 19.87 -7.12
N VAL A 222 -33.54 20.61 -6.63
CA VAL A 222 -33.54 21.14 -5.27
C VAL A 222 -33.85 22.63 -5.33
N GLU A 223 -34.81 23.07 -4.53
CA GLU A 223 -35.23 24.45 -4.47
C GLU A 223 -35.36 24.90 -3.03
N PRO A 224 -35.17 26.19 -2.74
CA PRO A 224 -35.42 26.68 -1.39
C PRO A 224 -36.87 26.49 -0.98
N LYS A 225 -37.07 25.98 0.23
CA LYS A 225 -38.40 25.59 0.68
C LYS A 225 -39.31 26.80 0.78
N SER A 226 -40.59 26.57 0.51
CA SER A 226 -41.60 27.63 0.51
C SER A 226 -42.59 27.36 1.63
N CYS A 227 -42.91 28.42 2.39
CA CYS A 227 -43.86 28.31 3.50
C CYS A 227 -45.18 29.01 3.18
N HIS B 11 49.87 -13.20 -31.94
CA HIS B 11 49.82 -11.74 -31.96
C HIS B 11 49.43 -11.19 -30.58
N HIS B 12 50.37 -11.24 -29.63
CA HIS B 12 50.12 -10.81 -28.26
C HIS B 12 51.43 -10.42 -27.61
N HIS B 13 51.43 -9.28 -26.91
CA HIS B 13 52.60 -8.76 -26.21
C HIS B 13 52.14 -8.24 -24.85
N HIS B 14 53.10 -7.93 -23.98
CA HIS B 14 52.76 -7.39 -22.66
C HIS B 14 52.30 -5.93 -22.73
N THR B 15 52.86 -5.14 -23.65
CA THR B 15 52.47 -3.74 -23.89
C THR B 15 51.13 -3.63 -24.63
N ASN B 16 50.44 -4.75 -24.83
CA ASN B 16 49.15 -4.74 -25.51
C ASN B 16 48.08 -4.13 -24.61
N LEU B 17 46.86 -4.05 -25.12
CA LEU B 17 45.75 -3.49 -24.37
C LEU B 17 44.92 -4.61 -23.77
N CYS B 18 44.37 -4.35 -22.58
CA CYS B 18 43.63 -5.38 -21.87
C CYS B 18 42.35 -5.72 -22.64
N PRO B 19 41.95 -6.99 -22.65
CA PRO B 19 40.77 -7.42 -23.42
C PRO B 19 39.47 -7.17 -22.68
N PHE B 20 39.19 -5.89 -22.40
CA PHE B 20 37.96 -5.56 -21.68
C PHE B 20 36.73 -5.93 -22.46
N GLY B 21 36.83 -6.07 -23.79
CA GLY B 21 35.70 -6.53 -24.56
C GLY B 21 35.24 -7.92 -24.18
N GLU B 22 36.19 -8.79 -23.83
CA GLU B 22 35.84 -10.17 -23.48
C GLU B 22 34.88 -10.23 -22.31
N VAL B 23 35.01 -9.29 -21.36
CA VAL B 23 34.20 -9.31 -20.15
C VAL B 23 32.89 -8.58 -20.36
N PHE B 24 32.94 -7.32 -20.82
CA PHE B 24 31.74 -6.53 -20.96
C PHE B 24 30.91 -7.01 -22.15
N ASN B 25 31.53 -7.12 -23.32
CA ASN B 25 30.81 -7.43 -24.54
C ASN B 25 30.74 -8.94 -24.74
N ALA B 26 30.67 -9.70 -23.66
CA ALA B 26 30.60 -11.15 -23.76
C ALA B 26 29.22 -11.58 -24.22
N THR B 27 29.17 -12.77 -24.84
CA THR B 27 27.89 -13.28 -25.34
C THR B 27 26.98 -13.70 -24.21
N ARG B 28 27.38 -14.72 -23.45
CA ARG B 28 26.65 -15.18 -22.29
C ARG B 28 27.30 -14.64 -21.02
N PHE B 29 26.48 -14.47 -19.97
CA PHE B 29 26.96 -14.05 -18.67
C PHE B 29 26.65 -15.11 -17.62
N ALA B 30 27.47 -15.15 -16.58
CA ALA B 30 27.28 -16.13 -15.53
C ALA B 30 26.03 -15.81 -14.71
N SER B 31 25.50 -16.83 -14.05
CA SER B 31 24.47 -16.60 -13.06
C SER B 31 25.09 -16.00 -11.80
N VAL B 32 24.28 -15.27 -11.04
CA VAL B 32 24.79 -14.50 -9.92
C VAL B 32 25.36 -15.42 -8.85
N TYR B 33 24.70 -16.56 -8.59
CA TYR B 33 25.17 -17.47 -7.56
C TYR B 33 26.49 -18.13 -7.96
N ALA B 34 26.75 -18.24 -9.26
CA ALA B 34 28.00 -18.80 -9.75
C ALA B 34 28.75 -17.76 -10.58
N TRP B 35 28.96 -16.58 -9.98
CA TRP B 35 29.49 -15.45 -10.72
C TRP B 35 30.89 -15.71 -11.27
N ASN B 36 31.13 -15.20 -12.47
CA ASN B 36 32.35 -15.50 -13.22
C ASN B 36 33.39 -14.43 -12.95
N ARG B 37 34.57 -14.85 -12.49
CA ARG B 37 35.68 -13.95 -12.19
C ARG B 37 36.80 -14.15 -13.18
N LYS B 38 37.32 -13.04 -13.71
CA LYS B 38 38.47 -13.04 -14.59
C LYS B 38 39.54 -12.14 -14.01
N ARG B 39 40.77 -12.63 -13.98
CA ARG B 39 41.91 -11.82 -13.58
C ARG B 39 42.48 -11.12 -14.80
N ILE B 40 42.44 -9.79 -14.78
CA ILE B 40 42.99 -8.95 -15.83
C ILE B 40 44.47 -8.75 -15.54
N SER B 41 45.32 -9.30 -16.40
CA SER B 41 46.73 -9.44 -16.09
C SER B 41 47.57 -9.20 -17.33
N ASN B 42 48.78 -8.70 -17.11
CA ASN B 42 49.79 -8.59 -18.16
C ASN B 42 49.25 -7.86 -19.38
N CYS B 43 48.77 -6.65 -19.15
CA CYS B 43 48.27 -5.79 -20.21
C CYS B 43 48.18 -4.37 -19.66
N VAL B 44 47.88 -3.43 -20.56
CA VAL B 44 47.73 -2.02 -20.20
C VAL B 44 46.25 -1.74 -20.04
N ALA B 45 45.82 -1.51 -18.80
CA ALA B 45 44.42 -1.24 -18.51
C ALA B 45 44.13 0.23 -18.73
N ASP B 46 43.28 0.54 -19.71
CA ASP B 46 42.89 1.92 -20.01
C ASP B 46 41.39 2.03 -19.73
N TYR B 47 41.06 2.44 -18.52
CA TYR B 47 39.67 2.56 -18.10
C TYR B 47 38.95 3.72 -18.76
N SER B 48 39.59 4.44 -19.68
CA SER B 48 38.90 5.52 -20.39
C SER B 48 37.83 4.98 -21.32
N VAL B 49 37.96 3.72 -21.75
CA VAL B 49 36.95 3.11 -22.60
C VAL B 49 35.63 2.93 -21.85
N LEU B 50 35.70 2.87 -20.53
CA LEU B 50 34.50 2.66 -19.72
C LEU B 50 33.86 3.98 -19.29
N TYR B 51 34.62 4.82 -18.59
CA TYR B 51 33.97 6.00 -18.01
C TYR B 51 33.59 7.03 -19.06
N ASN B 52 34.08 6.92 -20.29
CA ASN B 52 33.56 7.76 -21.35
C ASN B 52 32.63 6.97 -22.25
N SER B 53 31.56 6.42 -21.67
CA SER B 53 30.59 5.61 -22.40
C SER B 53 29.25 5.74 -21.71
N ALA B 54 28.25 6.27 -22.42
CA ALA B 54 26.94 6.53 -21.85
C ALA B 54 26.00 5.34 -21.98
N SER B 55 26.54 4.14 -22.16
CA SER B 55 25.74 2.93 -22.32
C SER B 55 25.53 2.18 -21.01
N PHE B 56 26.17 2.60 -19.92
CA PHE B 56 25.98 1.99 -18.62
C PHE B 56 24.94 2.76 -17.82
N SER B 57 24.14 2.03 -17.04
CA SER B 57 23.10 2.63 -16.22
C SER B 57 23.50 2.77 -14.77
N THR B 58 24.63 2.20 -14.37
CA THR B 58 25.12 2.30 -13.00
C THR B 58 26.64 2.21 -13.05
N PHE B 59 27.31 3.22 -12.51
CA PHE B 59 28.77 3.29 -12.57
C PHE B 59 29.22 4.00 -11.30
N LYS B 60 29.58 3.21 -10.29
CA LYS B 60 29.90 3.72 -8.96
C LYS B 60 31.16 3.03 -8.48
N CYS B 61 32.19 3.82 -8.16
CA CYS B 61 33.42 3.29 -7.60
C CYS B 61 33.48 3.60 -6.11
N TYR B 62 34.25 2.77 -5.40
CA TYR B 62 34.34 2.82 -3.94
C TYR B 62 35.80 2.70 -3.55
N GLY B 63 36.33 3.71 -2.88
CA GLY B 63 37.73 3.74 -2.51
C GLY B 63 38.64 4.41 -3.51
N VAL B 64 38.18 4.65 -4.74
CA VAL B 64 38.99 5.26 -5.77
C VAL B 64 38.16 6.24 -6.59
N SER B 65 38.80 7.31 -7.04
CA SER B 65 38.16 8.16 -8.03
C SER B 65 38.32 7.52 -9.41
N PRO B 66 37.24 7.39 -10.18
CA PRO B 66 37.35 6.75 -11.50
C PRO B 66 38.33 7.44 -12.44
N THR B 67 38.63 8.72 -12.19
CA THR B 67 39.66 9.41 -12.99
C THR B 67 41.06 9.00 -12.56
N LYS B 68 41.24 8.63 -11.30
CA LYS B 68 42.53 8.20 -10.78
C LYS B 68 42.89 6.77 -11.18
N LEU B 69 42.02 6.07 -11.92
CA LEU B 69 42.28 4.67 -12.22
C LEU B 69 43.47 4.48 -13.14
N ASN B 70 43.64 5.38 -14.11
CA ASN B 70 44.68 5.21 -15.12
C ASN B 70 46.08 5.55 -14.61
N ASP B 71 46.20 6.24 -13.47
CA ASP B 71 47.52 6.59 -12.93
C ASP B 71 47.75 6.01 -11.54
N LEU B 72 47.13 4.88 -11.24
CA LEU B 72 47.37 4.13 -10.01
C LEU B 72 48.19 2.89 -10.29
N CYS B 73 48.62 2.22 -9.21
CA CYS B 73 49.48 1.04 -9.30
C CYS B 73 48.80 -0.15 -8.65
N PHE B 74 48.35 -1.10 -9.47
CA PHE B 74 47.63 -2.27 -9.01
C PHE B 74 48.49 -3.53 -9.06
N THR B 75 48.37 -4.38 -8.04
CA THR B 75 49.00 -5.70 -8.01
C THR B 75 48.11 -6.78 -8.60
N ASN B 76 46.79 -6.69 -8.36
CA ASN B 76 45.83 -7.62 -8.93
C ASN B 76 44.56 -6.88 -9.30
N VAL B 77 44.03 -7.15 -10.49
CA VAL B 77 42.77 -6.58 -10.94
C VAL B 77 41.85 -7.73 -11.36
N TYR B 78 40.68 -7.81 -10.75
CA TYR B 78 39.69 -8.85 -11.05
C TYR B 78 38.44 -8.22 -11.63
N ALA B 79 37.78 -8.97 -12.51
CA ALA B 79 36.53 -8.55 -13.13
C ALA B 79 35.50 -9.65 -12.93
N ASP B 80 34.47 -9.35 -12.13
CA ASP B 80 33.38 -10.28 -11.86
C ASP B 80 32.17 -9.89 -12.69
N SER B 81 31.61 -10.85 -13.41
CA SER B 81 30.40 -10.62 -14.18
C SER B 81 29.31 -11.57 -13.72
N PHE B 82 28.07 -11.11 -13.81
CA PHE B 82 26.89 -11.92 -13.53
C PHE B 82 25.64 -11.14 -13.96
N VAL B 83 24.47 -11.72 -13.69
CA VAL B 83 23.20 -11.12 -14.07
C VAL B 83 22.23 -11.24 -12.90
N ILE B 84 21.48 -10.15 -12.65
CA ILE B 84 20.49 -10.08 -11.58
C ILE B 84 19.28 -9.30 -12.07
N ARG B 85 18.36 -9.00 -11.16
CA ARG B 85 17.24 -8.11 -11.43
C ARG B 85 17.68 -6.66 -11.35
N GLY B 86 16.81 -5.78 -11.82
CA GLY B 86 17.04 -4.35 -11.62
C GLY B 86 17.06 -3.97 -10.15
N ASP B 87 15.99 -4.28 -9.43
CA ASP B 87 15.88 -3.93 -8.02
C ASP B 87 16.99 -4.52 -7.17
N GLU B 88 17.81 -5.41 -7.73
CA GLU B 88 18.90 -6.00 -7.00
C GLU B 88 20.24 -5.34 -7.26
N VAL B 89 20.33 -4.48 -8.29
CA VAL B 89 21.59 -3.81 -8.56
C VAL B 89 22.00 -2.92 -7.40
N ARG B 90 21.02 -2.42 -6.64
CA ARG B 90 21.33 -1.61 -5.47
C ARG B 90 22.09 -2.41 -4.41
N GLN B 91 22.13 -3.73 -4.53
CA GLN B 91 22.83 -4.58 -3.56
C GLN B 91 24.29 -4.80 -3.92
N ILE B 92 24.69 -4.52 -5.16
CA ILE B 92 26.09 -4.63 -5.56
C ILE B 92 26.83 -3.39 -5.07
N ALA B 93 27.01 -3.30 -3.75
CA ALA B 93 27.65 -2.17 -3.10
C ALA B 93 28.03 -2.59 -1.70
N PRO B 94 29.01 -1.94 -1.08
CA PRO B 94 29.45 -2.37 0.25
C PRO B 94 28.39 -2.11 1.31
N GLY B 95 28.27 -3.05 2.23
CA GLY B 95 27.35 -2.91 3.35
C GLY B 95 25.88 -2.97 2.98
N GLN B 96 25.49 -3.87 2.10
CA GLN B 96 24.10 -4.04 1.70
C GLN B 96 23.56 -5.38 2.19
N THR B 97 22.25 -5.52 2.16
CA THR B 97 21.57 -6.75 2.51
C THR B 97 20.50 -7.07 1.47
N GLY B 98 20.10 -8.33 1.45
CA GLY B 98 19.07 -8.81 0.55
C GLY B 98 19.45 -10.18 0.01
N ASN B 99 18.64 -10.64 -0.94
CA ASN B 99 18.87 -11.97 -1.49
C ASN B 99 20.20 -12.08 -2.20
N ILE B 100 20.68 -11.00 -2.81
CA ILE B 100 21.92 -11.08 -3.58
C ILE B 100 23.14 -10.80 -2.71
N ALA B 101 23.03 -9.85 -1.78
CA ALA B 101 24.18 -9.50 -0.96
C ALA B 101 24.43 -10.52 0.14
N ASP B 102 23.39 -11.17 0.63
CA ASP B 102 23.55 -12.13 1.73
C ASP B 102 23.88 -13.54 1.24
N TYR B 103 23.31 -13.95 0.10
CA TYR B 103 23.37 -15.34 -0.33
C TYR B 103 24.05 -15.57 -1.67
N ASN B 104 24.41 -14.53 -2.42
CA ASN B 104 24.87 -14.72 -3.79
C ASN B 104 26.20 -14.06 -4.09
N TYR B 105 26.33 -12.77 -3.78
CA TYR B 105 27.54 -12.01 -4.10
C TYR B 105 27.65 -10.88 -3.10
N LYS B 106 28.59 -10.99 -2.16
CA LYS B 106 28.74 -10.03 -1.07
C LYS B 106 30.00 -9.21 -1.27
N LEU B 107 29.86 -7.89 -1.27
CA LEU B 107 31.04 -7.03 -1.35
C LEU B 107 31.48 -6.63 0.05
N PRO B 108 32.78 -6.59 0.30
CA PRO B 108 33.27 -6.23 1.64
C PRO B 108 32.98 -4.78 1.97
N ASP B 109 33.07 -4.47 3.27
CA ASP B 109 32.85 -3.09 3.69
C ASP B 109 33.96 -2.16 3.19
N ASP B 110 35.18 -2.69 3.05
CA ASP B 110 36.31 -1.92 2.54
C ASP B 110 36.54 -2.19 1.06
N PHE B 111 35.47 -2.34 0.29
CA PHE B 111 35.58 -2.66 -1.12
C PHE B 111 36.30 -1.54 -1.85
N THR B 112 37.37 -1.90 -2.56
CA THR B 112 38.17 -0.94 -3.33
C THR B 112 38.03 -1.29 -4.80
N GLY B 113 36.96 -0.82 -5.43
CA GLY B 113 36.75 -1.09 -6.84
C GLY B 113 35.60 -0.32 -7.46
N CYS B 114 35.03 -0.86 -8.54
CA CYS B 114 33.96 -0.19 -9.28
C CYS B 114 32.87 -1.20 -9.63
N VAL B 115 31.66 -0.68 -9.85
CA VAL B 115 30.48 -1.48 -10.16
C VAL B 115 29.81 -0.88 -11.40
N ILE B 116 29.71 -1.69 -12.45
CA ILE B 116 29.19 -1.23 -13.74
C ILE B 116 28.03 -2.14 -14.15
N ALA B 117 26.83 -1.57 -14.21
CA ALA B 117 25.64 -2.32 -14.56
C ALA B 117 24.95 -1.71 -15.77
N TRP B 118 24.20 -2.53 -16.50
CA TRP B 118 23.44 -2.07 -17.65
C TRP B 118 22.34 -3.07 -17.96
N ASN B 119 21.21 -2.54 -18.43
CA ASN B 119 20.05 -3.35 -18.75
C ASN B 119 20.32 -4.19 -19.98
N SER B 120 20.08 -5.49 -19.88
CA SER B 120 20.27 -6.42 -20.98
C SER B 120 19.00 -7.21 -21.24
N ASN B 121 17.85 -6.53 -21.20
CA ASN B 121 16.59 -7.21 -21.43
C ASN B 121 16.48 -7.74 -22.85
N ASN B 122 17.11 -7.05 -23.82
CA ASN B 122 17.11 -7.50 -25.21
C ASN B 122 18.05 -8.68 -25.44
N LEU B 123 18.75 -9.16 -24.41
CA LEU B 123 19.65 -10.30 -24.52
C LEU B 123 19.26 -11.45 -23.62
N ASP B 124 19.10 -11.19 -22.32
CA ASP B 124 18.94 -12.23 -21.31
C ASP B 124 17.49 -12.49 -20.97
N SER B 125 16.57 -12.22 -21.89
CA SER B 125 15.17 -12.55 -21.67
C SER B 125 14.61 -13.19 -22.93
N LYS B 126 14.00 -14.36 -22.77
CA LYS B 126 13.37 -15.10 -23.85
C LYS B 126 11.85 -15.02 -23.71
N VAL B 127 11.16 -15.38 -24.79
CA VAL B 127 9.72 -15.12 -24.91
C VAL B 127 8.94 -15.89 -23.84
N GLY B 128 9.26 -17.17 -23.67
CA GLY B 128 8.60 -17.94 -22.63
C GLY B 128 9.24 -17.88 -21.27
N GLY B 129 10.34 -17.13 -21.14
CA GLY B 129 11.05 -17.04 -19.88
C GLY B 129 12.41 -17.70 -19.96
N ASN B 130 13.48 -16.92 -19.80
CA ASN B 130 14.84 -17.45 -19.89
C ASN B 130 15.22 -18.02 -18.53
N TYR B 131 15.15 -19.35 -18.41
CA TYR B 131 15.42 -20.02 -17.14
C TYR B 131 16.88 -20.48 -17.03
N ASN B 132 17.80 -19.86 -17.78
CA ASN B 132 19.22 -20.15 -17.65
C ASN B 132 19.91 -19.32 -16.58
N TYR B 133 19.29 -18.22 -16.16
CA TYR B 133 19.83 -17.35 -15.12
C TYR B 133 19.18 -17.71 -13.80
N LEU B 134 19.99 -18.11 -12.82
CA LEU B 134 19.51 -18.59 -11.54
C LEU B 134 20.12 -17.75 -10.41
N TYR B 135 19.60 -17.96 -9.21
CA TYR B 135 20.07 -17.26 -8.01
C TYR B 135 19.77 -18.11 -6.79
N ARG B 136 20.65 -18.02 -5.79
CA ARG B 136 20.47 -18.81 -4.58
C ARG B 136 19.42 -18.15 -3.69
N LEU B 137 18.39 -18.91 -3.32
CA LEU B 137 17.27 -18.41 -2.55
C LEU B 137 17.36 -18.73 -1.07
N PHE B 138 17.92 -19.89 -0.71
CA PHE B 138 18.02 -20.31 0.68
C PHE B 138 19.47 -20.62 1.01
N ARG B 139 19.84 -20.33 2.26
CA ARG B 139 21.18 -20.58 2.78
C ARG B 139 21.13 -20.45 4.29
N LYS B 140 21.95 -21.25 4.97
CA LYS B 140 22.04 -21.14 6.42
C LYS B 140 22.63 -19.79 6.82
N SER B 141 23.93 -19.63 6.65
CA SER B 141 24.63 -18.41 7.03
C SER B 141 24.89 -17.52 5.82
N ASN B 142 25.13 -16.24 6.09
CA ASN B 142 25.44 -15.29 5.03
C ASN B 142 26.77 -15.62 4.38
N LEU B 143 26.96 -15.12 3.17
CA LEU B 143 28.22 -15.28 2.47
C LEU B 143 29.29 -14.37 3.05
N LYS B 144 30.53 -14.85 3.03
CA LYS B 144 31.67 -13.98 3.21
C LYS B 144 31.84 -13.11 1.96
N PRO B 145 32.60 -12.04 2.05
CA PRO B 145 32.86 -11.22 0.85
C PRO B 145 33.61 -12.03 -0.21
N PHE B 146 33.13 -11.91 -1.45
CA PHE B 146 33.67 -12.62 -2.60
C PHE B 146 33.61 -14.14 -2.46
N GLU B 147 32.76 -14.65 -1.56
CA GLU B 147 32.53 -16.07 -1.45
C GLU B 147 31.62 -16.54 -2.59
N ARG B 148 31.75 -17.81 -2.95
CA ARG B 148 31.02 -18.38 -4.08
C ARG B 148 30.48 -19.74 -3.67
N ASP B 149 29.17 -19.92 -3.77
CA ASP B 149 28.49 -21.12 -3.30
C ASP B 149 27.71 -21.71 -4.46
N ILE B 150 28.27 -22.72 -5.14
CA ILE B 150 27.63 -23.27 -6.32
C ILE B 150 26.99 -24.59 -5.93
N SER B 151 26.98 -24.85 -4.63
CA SER B 151 26.44 -26.09 -4.11
C SER B 151 24.93 -26.12 -4.26
N THR B 152 24.41 -27.28 -4.70
CA THR B 152 22.98 -27.48 -4.87
C THR B 152 22.45 -28.50 -3.86
N GLU B 153 22.85 -28.40 -2.60
CA GLU B 153 22.39 -29.31 -1.57
C GLU B 153 21.03 -28.87 -1.03
N ILE B 154 20.15 -29.84 -0.79
CA ILE B 154 18.79 -29.54 -0.33
C ILE B 154 18.84 -28.80 1.01
N TYR B 155 18.07 -27.73 1.11
CA TYR B 155 18.10 -26.86 2.28
C TYR B 155 17.01 -27.29 3.27
N GLN B 156 17.40 -27.43 4.54
CA GLN B 156 16.52 -27.98 5.57
C GLN B 156 15.87 -26.84 6.36
N ALA B 157 14.60 -26.59 6.09
CA ALA B 157 13.86 -25.52 6.75
C ALA B 157 12.98 -26.01 7.90
N GLY B 158 13.11 -27.26 8.31
CA GLY B 158 12.27 -27.84 9.34
C GLY B 158 13.09 -28.49 10.45
N SER B 159 12.48 -29.49 11.09
CA SER B 159 13.09 -30.17 12.23
C SER B 159 13.82 -31.45 11.86
N THR B 160 13.33 -32.19 10.84
CA THR B 160 13.88 -33.47 10.44
C THR B 160 14.79 -33.32 9.24
N PRO B 161 15.79 -34.20 9.09
CA PRO B 161 16.71 -34.07 7.97
C PRO B 161 16.02 -34.33 6.65
N CYS B 162 16.70 -33.95 5.58
CA CYS B 162 16.13 -34.02 4.23
C CYS B 162 16.69 -35.16 3.39
N ASN B 163 17.97 -35.50 3.57
CA ASN B 163 18.60 -36.62 2.87
C ASN B 163 18.61 -36.40 1.37
N GLY B 164 19.03 -35.20 0.95
CA GLY B 164 19.18 -34.89 -0.46
C GLY B 164 17.94 -35.07 -1.29
N VAL B 165 16.77 -34.91 -0.68
CA VAL B 165 15.50 -35.17 -1.36
C VAL B 165 14.56 -34.00 -1.14
N LYS B 166 14.09 -33.41 -2.24
CA LYS B 166 13.08 -32.37 -2.18
C LYS B 166 11.85 -32.88 -1.44
N GLY B 167 11.42 -32.14 -0.43
CA GLY B 167 10.26 -32.53 0.34
C GLY B 167 9.68 -31.37 1.13
N PHE B 168 8.70 -31.69 1.96
CA PHE B 168 8.15 -30.72 2.90
C PHE B 168 9.26 -30.23 3.83
N ASN B 169 9.42 -28.90 3.90
CA ASN B 169 10.50 -28.26 4.65
C ASN B 169 11.88 -28.71 4.16
N CYS B 170 11.97 -29.05 2.88
CA CYS B 170 13.20 -29.55 2.27
C CYS B 170 13.23 -29.03 0.83
N TYR B 171 13.83 -27.86 0.65
CA TYR B 171 13.73 -27.12 -0.61
C TYR B 171 15.05 -27.16 -1.37
N PHE B 172 14.92 -27.10 -2.68
CA PHE B 172 16.08 -26.93 -3.54
C PHE B 172 16.54 -25.47 -3.44
N PRO B 173 17.85 -25.20 -3.29
CA PRO B 173 18.26 -23.85 -2.90
C PRO B 173 18.35 -22.85 -4.04
N LEU B 174 18.41 -23.29 -5.29
CA LEU B 174 18.52 -22.38 -6.42
C LEU B 174 17.15 -22.17 -7.06
N GLN B 175 16.90 -20.94 -7.49
CA GLN B 175 15.66 -20.55 -8.14
C GLN B 175 16.01 -19.79 -9.42
N SER B 176 15.13 -19.86 -10.41
CA SER B 176 15.36 -19.22 -11.68
C SER B 176 14.64 -17.87 -11.76
N TYR B 177 15.24 -16.94 -12.51
CA TYR B 177 14.60 -15.63 -12.68
C TYR B 177 13.44 -15.68 -13.66
N GLY B 178 13.58 -16.43 -14.75
CA GLY B 178 12.53 -16.49 -15.75
C GLY B 178 12.30 -15.15 -16.42
N PHE B 179 13.34 -14.62 -17.04
CA PHE B 179 13.25 -13.29 -17.63
C PHE B 179 12.41 -13.32 -18.90
N GLN B 180 11.34 -12.54 -18.90
CA GLN B 180 10.57 -12.29 -20.11
C GLN B 180 10.61 -10.80 -20.41
N PRO B 181 10.61 -10.41 -21.68
CA PRO B 181 10.71 -8.98 -22.00
C PRO B 181 9.54 -8.15 -21.48
N THR B 182 8.39 -8.76 -21.19
CA THR B 182 7.21 -8.03 -20.74
C THR B 182 7.30 -7.58 -19.29
N TYR B 183 8.39 -7.91 -18.59
CA TYR B 183 8.51 -7.61 -17.18
C TYR B 183 8.73 -6.12 -16.95
N GLY B 184 8.54 -5.69 -15.69
CA GLY B 184 8.93 -4.36 -15.31
C GLY B 184 10.44 -4.22 -15.17
N VAL B 185 10.92 -2.98 -15.26
CA VAL B 185 12.35 -2.73 -15.22
C VAL B 185 12.97 -3.24 -13.93
N GLY B 186 12.19 -3.28 -12.85
CA GLY B 186 12.69 -3.82 -11.61
C GLY B 186 12.98 -5.31 -11.65
N TYR B 187 12.46 -6.02 -12.64
CA TYR B 187 12.63 -7.46 -12.76
C TYR B 187 13.27 -7.88 -14.08
N GLN B 188 13.72 -6.92 -14.88
CA GLN B 188 14.41 -7.22 -16.12
C GLN B 188 15.86 -7.60 -15.83
N PRO B 189 16.50 -8.33 -16.74
CA PRO B 189 17.88 -8.76 -16.50
C PRO B 189 18.86 -7.61 -16.65
N TYR B 190 19.73 -7.45 -15.66
CA TYR B 190 20.81 -6.47 -15.68
C TYR B 190 22.14 -7.20 -15.58
N ARG B 191 23.03 -6.95 -16.53
CA ARG B 191 24.38 -7.47 -16.45
C ARG B 191 25.25 -6.56 -15.59
N VAL B 192 26.11 -7.16 -14.77
CA VAL B 192 26.92 -6.42 -13.81
C VAL B 192 28.36 -6.86 -13.96
N VAL B 193 29.27 -5.88 -14.05
CA VAL B 193 30.70 -6.11 -14.02
C VAL B 193 31.25 -5.43 -12.77
N VAL B 194 32.06 -6.14 -12.00
CA VAL B 194 32.58 -5.63 -10.74
C VAL B 194 34.11 -5.69 -10.80
N LEU B 195 34.73 -4.53 -11.00
CA LEU B 195 36.18 -4.43 -11.00
C LEU B 195 36.70 -4.30 -9.58
N SER B 196 37.54 -5.23 -9.16
CA SER B 196 38.18 -5.19 -7.85
C SER B 196 39.66 -4.91 -8.01
N PHE B 197 40.21 -4.11 -7.10
CA PHE B 197 41.59 -3.65 -7.20
C PHE B 197 42.37 -4.03 -5.96
N GLU B 198 43.69 -4.17 -6.15
CA GLU B 198 44.63 -4.31 -5.05
C GLU B 198 45.81 -3.38 -5.36
N LEU B 199 45.79 -2.20 -4.74
CA LEU B 199 46.83 -1.21 -4.89
C LEU B 199 48.07 -1.64 -4.12
N LEU B 200 49.23 -1.42 -4.70
CA LEU B 200 50.45 -1.87 -4.05
C LEU B 200 50.87 -0.88 -2.98
N HIS B 201 51.41 -1.40 -1.88
CA HIS B 201 51.93 -0.56 -0.82
C HIS B 201 53.27 0.02 -1.28
N ALA B 202 53.34 1.34 -1.39
CA ALA B 202 54.56 2.02 -1.77
C ALA B 202 54.55 3.42 -1.17
N PRO B 203 55.72 4.03 -1.00
CA PRO B 203 55.75 5.46 -0.67
C PRO B 203 55.12 6.27 -1.79
N ALA B 204 54.62 7.45 -1.41
CA ALA B 204 54.05 8.36 -2.41
C ALA B 204 55.08 8.70 -3.47
N THR B 205 56.36 8.74 -3.11
CA THR B 205 57.41 9.05 -4.07
C THR B 205 57.46 8.04 -5.21
N VAL B 206 57.02 6.81 -4.97
CA VAL B 206 57.09 5.75 -5.98
C VAL B 206 55.91 5.83 -6.92
N CYS B 207 54.70 5.70 -6.38
CA CYS B 207 53.49 5.76 -7.20
C CYS B 207 52.53 6.81 -6.66
N GLY B 208 51.94 6.60 -5.48
CA GLY B 208 51.03 7.59 -4.92
C GLY B 208 50.46 7.14 -3.59
N ALA C 1 -0.96 -15.01 19.76
CA ALA C 1 -0.88 -14.07 18.65
C ALA C 1 -0.14 -12.81 19.08
N ILE C 2 0.70 -12.28 18.20
CA ILE C 2 1.51 -11.11 18.51
C ILE C 2 0.68 -9.86 18.23
N GLN C 3 0.27 -9.18 19.29
CA GLN C 3 -0.59 -8.01 19.18
C GLN C 3 0.24 -6.77 18.91
N MET C 4 -0.16 -6.01 17.88
CA MET C 4 0.54 -4.81 17.47
C MET C 4 -0.24 -3.59 17.93
N THR C 5 0.47 -2.62 18.51
CA THR C 5 -0.14 -1.40 19.02
C THR C 5 0.61 -0.20 18.47
N GLN C 6 -0.12 0.78 17.95
CA GLN C 6 0.46 2.01 17.44
C GLN C 6 0.01 3.20 18.27
N SER C 7 0.93 4.17 18.42
CA SER C 7 0.66 5.39 19.16
C SER C 7 1.39 6.53 18.43
N PRO C 8 0.72 7.65 18.15
CA PRO C 8 -0.69 7.90 18.50
C PRO C 8 -1.66 7.36 17.46
N ASP C 9 -2.96 7.48 17.73
CA ASP C 9 -3.97 7.07 16.75
C ASP C 9 -4.12 8.10 15.63
N SER C 10 -3.82 9.37 15.92
CA SER C 10 -3.84 10.41 14.89
C SER C 10 -2.80 11.46 15.25
N LEU C 11 -2.02 11.89 14.25
CA LEU C 11 -0.96 12.88 14.45
C LEU C 11 -1.07 13.92 13.35
N ALA C 12 -1.74 15.03 13.65
CA ALA C 12 -1.79 16.17 12.73
C ALA C 12 -0.54 17.02 12.92
N VAL C 13 0.27 17.15 11.88
CA VAL C 13 1.53 17.88 11.93
C VAL C 13 1.66 18.77 10.70
N SER C 14 2.16 19.99 10.90
CA SER C 14 2.35 20.93 9.81
C SER C 14 3.38 20.41 8.81
N LEU C 15 3.28 20.92 7.58
CA LEU C 15 4.21 20.53 6.52
C LEU C 15 5.62 21.03 6.83
N GLY C 16 6.62 20.32 6.30
CA GLY C 16 7.99 20.48 6.68
C GLY C 16 8.36 20.12 8.11
N GLU C 17 7.39 19.91 9.00
CA GLU C 17 7.70 19.44 10.35
C GLU C 17 7.84 17.91 10.37
N ARG C 18 8.45 17.41 11.44
CA ARG C 18 8.69 15.97 11.56
C ARG C 18 7.49 15.26 12.16
N ALA C 19 7.12 14.12 11.60
CA ALA C 19 6.05 13.28 12.11
C ALA C 19 6.64 11.99 12.65
N THR C 20 6.22 11.59 13.84
CA THR C 20 6.73 10.39 14.49
C THR C 20 5.58 9.45 14.81
N ILE C 21 5.66 8.22 14.30
CA ILE C 21 4.69 7.18 14.57
C ILE C 21 5.41 6.02 15.26
N ASN C 22 4.78 5.46 16.28
CA ASN C 22 5.38 4.40 17.07
C ASN C 22 4.58 3.11 16.94
N CYS C 23 5.22 2.01 17.29
CA CYS C 23 4.62 0.68 17.13
C CYS C 23 5.26 -0.26 18.14
N LYS C 24 4.44 -0.83 19.02
CA LYS C 24 4.90 -1.75 20.03
C LYS C 24 4.24 -3.11 19.81
N SER C 25 5.05 -4.16 19.82
CA SER C 25 4.56 -5.52 19.70
C SER C 25 4.55 -6.20 21.07
N SER C 26 3.64 -7.17 21.22
CA SER C 26 3.53 -7.86 22.50
C SER C 26 4.70 -8.80 22.73
N GLN C 27 5.30 -9.32 21.67
CA GLN C 27 6.44 -10.21 21.77
C GLN C 27 7.58 -9.69 20.90
N SER C 28 8.79 -10.16 21.17
CA SER C 28 9.95 -9.71 20.42
C SER C 28 9.92 -10.26 19.01
N ILE C 29 10.05 -9.36 18.02
CA ILE C 29 10.07 -9.72 16.61
C ILE C 29 11.50 -9.92 16.09
N LEU C 30 12.50 -9.79 16.95
CA LEU C 30 13.90 -9.95 16.54
C LEU C 30 14.27 -11.43 16.52
N TYR C 31 14.64 -11.93 15.33
CA TYR C 31 15.03 -13.32 15.19
C TYR C 31 16.48 -13.49 15.62
N ASN C 32 16.75 -14.55 16.39
CA ASN C 32 18.07 -14.72 16.98
C ASN C 32 19.10 -15.13 15.93
N SER C 33 18.72 -15.99 14.99
CA SER C 33 19.70 -16.61 14.09
C SER C 33 20.09 -15.73 12.91
N ASN C 34 19.56 -14.50 12.81
CA ASN C 34 20.03 -13.61 11.76
C ASN C 34 19.93 -12.13 12.12
N ASN C 35 19.58 -11.77 13.36
CA ASN C 35 19.64 -10.38 13.82
C ASN C 35 18.74 -9.47 12.96
N LYS C 36 17.61 -10.01 12.50
CA LYS C 36 16.68 -9.29 11.64
C LYS C 36 15.33 -9.20 12.33
N THR C 37 14.84 -7.97 12.55
CA THR C 37 13.52 -7.74 13.12
C THR C 37 12.46 -7.79 12.02
N TYR C 38 11.48 -8.67 12.17
CA TYR C 38 10.47 -8.89 11.12
C TYR C 38 9.32 -7.90 11.28
N LEU C 39 9.64 -6.63 11.04
CA LEU C 39 8.69 -5.53 11.20
C LEU C 39 8.64 -4.73 9.91
N ALA C 40 7.43 -4.29 9.53
CA ALA C 40 7.23 -3.54 8.29
C ALA C 40 6.32 -2.35 8.55
N TRP C 41 6.34 -1.39 7.61
CA TRP C 41 5.56 -0.16 7.70
C TRP C 41 4.84 0.07 6.37
N TYR C 42 3.51 0.22 6.42
CA TYR C 42 2.71 0.39 5.22
C TYR C 42 1.99 1.72 5.23
N GLN C 43 1.78 2.28 4.04
CA GLN C 43 1.11 3.56 3.85
C GLN C 43 -0.09 3.37 2.95
N GLN C 44 -1.28 3.74 3.44
CA GLN C 44 -2.52 3.54 2.70
C GLN C 44 -3.27 4.86 2.60
N LYS C 45 -3.45 5.33 1.37
CA LYS C 45 -4.23 6.50 1.05
C LYS C 45 -5.64 6.09 0.65
N PRO C 46 -6.61 7.01 0.73
CA PRO C 46 -7.99 6.66 0.37
C PRO C 46 -8.10 6.15 -1.07
N GLY C 47 -8.90 5.10 -1.25
CA GLY C 47 -9.14 4.52 -2.54
C GLY C 47 -8.01 3.70 -3.11
N GLN C 48 -6.91 3.55 -2.37
CA GLN C 48 -5.72 2.88 -2.85
C GLN C 48 -5.38 1.69 -1.95
N PRO C 49 -4.66 0.70 -2.49
CA PRO C 49 -4.13 -0.36 -1.65
C PRO C 49 -2.97 0.14 -0.82
N PRO C 50 -2.56 -0.61 0.20
CA PRO C 50 -1.37 -0.22 0.96
C PRO C 50 -0.12 -0.23 0.10
N LYS C 51 0.92 0.41 0.62
CA LYS C 51 2.20 0.54 -0.06
C LYS C 51 3.29 0.24 0.95
N LEU C 52 4.23 -0.61 0.57
CA LEU C 52 5.32 -0.99 1.47
C LEU C 52 6.33 0.15 1.53
N LEU C 53 6.60 0.65 2.73
CA LEU C 53 7.63 1.67 2.94
C LEU C 53 8.90 1.07 3.54
N ILE C 54 8.78 0.46 4.72
CA ILE C 54 9.92 -0.09 5.43
C ILE C 54 9.69 -1.57 5.68
N PHE C 55 10.72 -2.38 5.48
CA PHE C 55 10.75 -3.75 5.95
C PHE C 55 12.08 -3.96 6.67
N TRP C 56 12.15 -5.06 7.42
CA TRP C 56 13.25 -5.30 8.37
C TRP C 56 13.40 -4.14 9.34
N ALA C 57 12.29 -3.45 9.61
CA ALA C 57 12.20 -2.36 10.60
C ALA C 57 12.97 -1.11 10.18
N SER C 58 14.12 -1.27 9.53
CA SER C 58 14.96 -0.13 9.21
C SER C 58 15.38 -0.03 7.74
N THR C 59 15.06 -1.00 6.90
CA THR C 59 15.45 -0.96 5.50
C THR C 59 14.32 -0.35 4.68
N ARG C 60 14.65 0.70 3.92
CA ARG C 60 13.67 1.41 3.11
C ARG C 60 13.48 0.72 1.77
N GLU C 61 12.23 0.59 1.34
CA GLU C 61 11.91 -0.16 0.14
C GLU C 61 12.31 0.62 -1.11
N SER C 62 12.63 -0.11 -2.17
CA SER C 62 13.03 0.49 -3.44
C SER C 62 11.93 1.41 -3.97
N GLY C 63 12.26 2.70 -4.09
CA GLY C 63 11.33 3.68 -4.59
C GLY C 63 10.70 4.58 -3.56
N VAL C 64 11.05 4.42 -2.28
CA VAL C 64 10.49 5.21 -1.20
C VAL C 64 11.40 6.41 -0.93
N PRO C 65 10.83 7.60 -0.72
CA PRO C 65 11.66 8.78 -0.46
C PRO C 65 12.49 8.65 0.82
N ASP C 66 13.59 9.41 0.86
CA ASP C 66 14.52 9.34 1.98
C ASP C 66 13.92 9.90 3.27
N ARG C 67 12.88 10.72 3.19
CA ARG C 67 12.28 11.26 4.40
C ARG C 67 11.59 10.19 5.24
N PHE C 68 11.33 9.01 4.65
CA PHE C 68 10.77 7.88 5.38
C PHE C 68 11.90 7.05 5.96
N SER C 69 11.90 6.89 7.28
CA SER C 69 12.90 6.09 7.96
C SER C 69 12.24 5.33 9.10
N GLY C 70 12.74 4.11 9.34
CA GLY C 70 12.27 3.29 10.44
C GLY C 70 13.40 3.00 11.41
N SER C 71 13.04 2.83 12.68
CA SER C 71 14.02 2.59 13.72
C SER C 71 13.41 1.73 14.81
N GLY C 72 14.25 1.28 15.73
CA GLY C 72 13.82 0.45 16.83
C GLY C 72 14.16 -1.01 16.61
N SER C 73 14.23 -1.75 17.71
CA SER C 73 14.56 -3.15 17.66
C SER C 73 13.80 -3.88 18.75
N GLY C 74 13.47 -5.14 18.48
CA GLY C 74 12.80 -5.96 19.47
C GLY C 74 11.30 -5.76 19.53
N THR C 75 10.86 -4.81 20.35
CA THR C 75 9.44 -4.58 20.58
C THR C 75 8.98 -3.16 20.32
N ASP C 76 9.87 -2.18 20.38
CA ASP C 76 9.52 -0.78 20.19
C ASP C 76 10.06 -0.33 18.83
N PHE C 77 9.17 0.18 17.98
CA PHE C 77 9.52 0.58 16.62
C PHE C 77 8.95 1.96 16.33
N THR C 78 9.53 2.63 15.34
CA THR C 78 9.17 4.01 15.03
C THR C 78 9.41 4.29 13.56
N LEU C 79 8.36 4.74 12.87
CA LEU C 79 8.47 5.28 11.52
C LEU C 79 8.49 6.81 11.61
N THR C 80 9.50 7.43 11.01
CA THR C 80 9.71 8.87 11.11
C THR C 80 9.71 9.50 9.72
N ILE C 81 8.88 10.52 9.55
CA ILE C 81 8.89 11.35 8.33
C ILE C 81 9.57 12.66 8.71
N SER C 82 10.78 12.87 8.19
CA SER C 82 11.60 14.00 8.65
C SER C 82 10.98 15.35 8.28
N SER C 83 10.43 15.46 7.08
CA SER C 83 9.82 16.71 6.62
C SER C 83 8.53 16.33 5.90
N LEU C 84 7.40 16.44 6.59
CA LEU C 84 6.13 15.98 6.04
C LEU C 84 5.76 16.76 4.78
N GLN C 85 5.49 16.02 3.71
CA GLN C 85 5.00 16.59 2.47
C GLN C 85 3.49 16.55 2.44
N ALA C 86 2.91 17.31 1.51
CA ALA C 86 1.46 17.32 1.34
C ALA C 86 0.95 16.00 0.76
N GLU C 87 1.81 15.22 0.10
CA GLU C 87 1.40 13.95 -0.47
C GLU C 87 1.47 12.80 0.52
N ASP C 88 2.04 13.02 1.70
CA ASP C 88 2.21 11.97 2.69
C ASP C 88 1.00 11.83 3.61
N VAL C 89 -0.10 12.52 3.33
CA VAL C 89 -1.29 12.39 4.17
C VAL C 89 -1.95 11.05 3.85
N ALA C 90 -1.85 10.11 4.79
CA ALA C 90 -2.36 8.76 4.59
C ALA C 90 -2.49 8.10 5.96
N VAL C 91 -2.86 6.82 5.94
CA VAL C 91 -2.92 5.99 7.14
C VAL C 91 -1.73 5.04 7.12
N TYR C 92 -0.97 5.01 8.20
CA TYR C 92 0.25 4.23 8.28
C TYR C 92 0.06 3.06 9.24
N TYR C 93 0.33 1.85 8.74
CA TYR C 93 0.23 0.63 9.53
C TYR C 93 1.60 0.01 9.72
N CYS C 94 1.84 -0.54 10.91
CA CYS C 94 2.96 -1.43 11.14
C CYS C 94 2.47 -2.86 11.17
N GLN C 95 3.33 -3.78 10.71
CA GLN C 95 2.96 -5.17 10.59
C GLN C 95 4.14 -6.06 10.95
N GLN C 96 3.86 -7.09 11.73
CA GLN C 96 4.84 -8.10 12.11
C GLN C 96 4.68 -9.33 11.23
N TYR C 97 5.80 -9.94 10.87
CA TYR C 97 5.77 -11.18 10.11
C TYR C 97 6.75 -12.19 10.69
N TYR C 98 7.06 -12.06 11.99
CA TYR C 98 7.89 -13.05 12.67
C TYR C 98 7.22 -14.42 12.66
N SER C 99 6.07 -14.54 13.32
CA SER C 99 5.31 -15.77 13.38
C SER C 99 3.89 -15.53 12.92
N ILE C 100 3.17 -16.63 12.72
CA ILE C 100 1.82 -16.61 12.16
C ILE C 100 0.82 -16.70 13.32
N PRO C 101 -0.28 -15.93 13.30
CA PRO C 101 -0.73 -15.06 12.20
C PRO C 101 0.03 -13.75 12.08
N LEU C 102 0.16 -13.24 10.85
CA LEU C 102 0.70 -11.90 10.64
C LEU C 102 -0.35 -10.89 11.05
N ILE C 103 0.06 -9.88 11.82
CA ILE C 103 -0.89 -8.98 12.47
C ILE C 103 -0.46 -7.53 12.27
N PHE C 104 -1.41 -6.69 11.85
CA PHE C 104 -1.18 -5.27 11.65
C PHE C 104 -1.52 -4.49 12.92
N GLY C 105 -1.06 -3.24 12.97
CA GLY C 105 -1.47 -2.32 13.98
C GLY C 105 -2.82 -1.73 13.68
N PRO C 106 -3.32 -0.90 14.61
CA PRO C 106 -4.62 -0.25 14.38
C PRO C 106 -4.56 0.86 13.35
N GLY C 107 -3.37 1.27 12.90
CA GLY C 107 -3.24 2.36 11.96
C GLY C 107 -3.16 3.71 12.62
N THR C 108 -2.35 4.60 12.04
CA THR C 108 -2.21 5.98 12.50
C THR C 108 -2.53 6.91 11.33
N LYS C 109 -3.51 7.80 11.54
CA LYS C 109 -3.92 8.75 10.52
C LYS C 109 -3.04 10.00 10.61
N VAL C 110 -2.52 10.43 9.47
CA VAL C 110 -1.63 11.58 9.39
C VAL C 110 -2.25 12.59 8.43
N ASP C 111 -2.52 13.79 8.94
CA ASP C 111 -3.00 14.89 8.13
C ASP C 111 -2.16 16.13 8.44
N ILE C 112 -2.21 17.10 7.53
CA ILE C 112 -1.44 18.32 7.69
C ILE C 112 -2.13 19.24 8.69
N LYS C 113 -1.33 20.00 9.43
CA LYS C 113 -1.82 20.81 10.56
C LYS C 113 -1.94 22.25 10.10
N ARG C 114 -3.11 22.60 9.60
CA ARG C 114 -3.44 23.99 9.34
C ARG C 114 -3.96 24.65 10.61
N THR C 115 -4.18 25.95 10.54
CA THR C 115 -4.75 26.66 11.68
C THR C 115 -6.19 26.20 11.92
N VAL C 116 -6.64 26.39 13.16
CA VAL C 116 -7.98 25.94 13.55
C VAL C 116 -9.05 26.59 12.67
N ALA C 117 -10.15 25.88 12.47
CA ALA C 117 -11.24 26.37 11.62
C ALA C 117 -12.57 25.83 12.13
N ALA C 118 -13.50 26.74 12.43
CA ALA C 118 -14.81 26.36 12.92
C ALA C 118 -15.71 25.92 11.76
N PRO C 119 -16.66 25.03 12.02
CA PRO C 119 -17.53 24.57 10.94
C PRO C 119 -18.71 25.48 10.70
N SER C 120 -19.13 25.54 9.44
CA SER C 120 -20.42 26.11 9.10
C SER C 120 -21.50 25.06 9.35
N VAL C 121 -22.50 25.41 10.15
CA VAL C 121 -23.50 24.46 10.63
C VAL C 121 -24.81 24.68 9.90
N PHE C 122 -25.40 23.60 9.38
CA PHE C 122 -26.66 23.63 8.68
C PHE C 122 -27.55 22.51 9.21
N ILE C 123 -28.87 22.72 9.11
CA ILE C 123 -29.84 21.70 9.49
C ILE C 123 -30.93 21.65 8.43
N PHE C 124 -31.36 20.44 8.09
CA PHE C 124 -32.32 20.22 7.01
C PHE C 124 -33.52 19.43 7.51
N PRO C 125 -34.70 20.03 7.56
CA PRO C 125 -35.90 19.27 7.91
C PRO C 125 -36.20 18.21 6.86
N PRO C 126 -36.95 17.17 7.22
CA PRO C 126 -37.26 16.13 6.24
C PRO C 126 -38.07 16.70 5.09
N SER C 127 -37.84 16.14 3.89
CA SER C 127 -38.56 16.57 2.72
C SER C 127 -40.03 16.15 2.82
N ASP C 128 -40.90 16.99 2.26
CA ASP C 128 -42.32 16.63 2.17
C ASP C 128 -42.50 15.31 1.42
N GLU C 129 -41.60 15.02 0.47
CA GLU C 129 -41.67 13.77 -0.28
C GLU C 129 -41.35 12.58 0.61
N GLN C 130 -40.41 12.75 1.55
CA GLN C 130 -40.03 11.63 2.41
C GLN C 130 -41.10 11.35 3.45
N LEU C 131 -41.75 12.39 3.97
CA LEU C 131 -42.82 12.20 4.93
C LEU C 131 -44.02 11.47 4.31
N LYS C 132 -44.11 11.47 2.98
CA LYS C 132 -45.13 10.69 2.29
C LYS C 132 -44.86 9.19 2.35
N SER C 133 -43.65 8.79 2.76
CA SER C 133 -43.27 7.39 2.86
C SER C 133 -43.45 6.82 4.26
N GLY C 134 -43.40 7.65 5.31
CA GLY C 134 -43.52 7.18 6.67
C GLY C 134 -42.26 7.30 7.50
N THR C 135 -41.16 7.76 6.91
CA THR C 135 -39.89 7.93 7.61
C THR C 135 -39.44 9.38 7.48
N ALA C 136 -38.87 9.91 8.56
CA ALA C 136 -38.35 11.27 8.58
C ALA C 136 -36.84 11.23 8.75
N SER C 137 -36.15 12.14 8.06
CA SER C 137 -34.69 12.24 8.12
C SER C 137 -34.30 13.69 8.33
N VAL C 138 -33.74 14.00 9.49
CA VAL C 138 -33.22 15.33 9.79
C VAL C 138 -31.71 15.28 9.64
N VAL C 139 -31.18 16.07 8.71
CA VAL C 139 -29.76 16.07 8.38
C VAL C 139 -29.10 17.30 9.00
N CYS C 140 -27.87 17.13 9.48
CA CYS C 140 -27.09 18.18 10.12
C CYS C 140 -25.73 18.21 9.47
N LEU C 141 -25.36 19.35 8.89
CA LEU C 141 -24.14 19.46 8.10
C LEU C 141 -23.12 20.33 8.82
N LEU C 142 -21.88 19.85 8.86
CA LEU C 142 -20.74 20.62 9.34
C LEU C 142 -19.78 20.78 8.17
N ASN C 143 -19.57 22.01 7.74
CA ASN C 143 -18.91 22.28 6.47
C ASN C 143 -17.54 22.92 6.72
N ASN C 144 -16.50 22.31 6.14
CA ASN C 144 -15.14 22.84 6.13
C ASN C 144 -14.64 23.26 7.51
N PHE C 145 -14.28 22.29 8.35
CA PHE C 145 -13.75 22.57 9.67
C PHE C 145 -12.41 21.87 9.85
N TYR C 146 -11.73 22.19 10.95
CA TYR C 146 -10.46 21.57 11.29
C TYR C 146 -10.18 21.81 12.77
N PRO C 147 -9.67 20.81 13.51
CA PRO C 147 -9.35 19.46 13.03
C PRO C 147 -10.56 18.54 12.89
N ARG C 148 -10.29 17.26 12.58
CA ARG C 148 -11.37 16.32 12.29
C ARG C 148 -12.25 16.06 13.51
N GLU C 149 -11.71 16.18 14.71
CA GLU C 149 -12.46 15.87 15.91
C GLU C 149 -13.60 16.85 16.12
N ALA C 150 -14.78 16.32 16.42
CA ALA C 150 -15.97 17.12 16.70
C ALA C 150 -16.96 16.27 17.50
N LYS C 151 -18.09 16.86 17.84
CA LYS C 151 -19.13 16.16 18.60
C LYS C 151 -20.48 16.70 18.20
N VAL C 152 -21.33 15.83 17.66
CA VAL C 152 -22.67 16.17 17.23
C VAL C 152 -23.66 15.62 18.26
N GLN C 153 -24.58 16.47 18.71
CA GLN C 153 -25.57 16.09 19.70
C GLN C 153 -26.96 16.43 19.19
N TRP C 154 -27.81 15.42 19.05
CA TRP C 154 -29.20 15.62 18.64
C TRP C 154 -30.09 15.77 19.87
N LYS C 155 -30.97 16.77 19.84
CA LYS C 155 -31.90 17.03 20.94
C LYS C 155 -33.27 17.32 20.36
N VAL C 156 -34.19 16.36 20.50
CA VAL C 156 -35.57 16.52 20.05
C VAL C 156 -36.41 16.93 21.25
N ASP C 157 -36.93 18.16 21.21
CA ASP C 157 -37.62 18.76 22.37
C ASP C 157 -36.70 18.75 23.59
N ASN C 158 -35.46 19.21 23.38
CA ASN C 158 -34.42 19.28 24.41
C ASN C 158 -34.02 17.91 24.96
N ALA C 159 -34.78 16.87 24.63
CA ALA C 159 -34.45 15.51 25.04
C ALA C 159 -33.30 15.00 24.18
N LEU C 160 -32.13 14.81 24.80
CA LEU C 160 -30.95 14.37 24.07
C LEU C 160 -31.19 12.98 23.49
N GLN C 161 -30.97 12.84 22.19
CA GLN C 161 -31.23 11.60 21.48
C GLN C 161 -29.93 10.83 21.24
N SER C 162 -30.03 9.51 21.22
CA SER C 162 -28.88 8.67 20.95
C SER C 162 -29.35 7.36 20.34
N GLY C 163 -28.43 6.67 19.66
CA GLY C 163 -28.76 5.40 19.05
C GLY C 163 -29.66 5.49 17.85
N ASN C 164 -30.00 6.68 17.41
CA ASN C 164 -30.90 6.90 16.28
C ASN C 164 -30.27 7.86 15.28
N SER C 165 -28.95 7.79 15.12
CA SER C 165 -28.24 8.71 14.24
C SER C 165 -26.96 8.04 13.73
N GLN C 166 -26.66 8.25 12.46
CA GLN C 166 -25.41 7.82 11.86
C GLN C 166 -24.70 9.02 11.25
N GLU C 167 -23.38 8.93 11.12
CA GLU C 167 -22.56 10.05 10.67
C GLU C 167 -21.64 9.61 9.53
N SER C 168 -21.20 10.60 8.76
CA SER C 168 -20.20 10.42 7.70
C SER C 168 -19.25 11.61 7.74
N VAL C 169 -17.98 11.34 7.42
CA VAL C 169 -16.95 12.36 7.40
CA VAL C 169 -16.95 12.36 7.40
C VAL C 169 -16.18 12.24 6.09
N THR C 170 -15.88 13.38 5.47
CA THR C 170 -15.12 13.42 4.23
C THR C 170 -13.62 13.41 4.53
N GLU C 171 -12.84 13.07 3.51
CA GLU C 171 -11.39 13.12 3.66
C GLU C 171 -10.93 14.58 3.68
N GLN C 172 -9.70 14.78 4.16
CA GLN C 172 -9.14 16.13 4.19
C GLN C 172 -9.09 16.71 2.79
N ASP C 173 -9.64 17.90 2.63
CA ASP C 173 -9.74 18.54 1.32
C ASP C 173 -8.35 18.81 0.75
N SER C 174 -8.22 18.61 -0.56
CA SER C 174 -6.91 18.73 -1.20
C SER C 174 -6.45 20.17 -1.31
N LYS C 175 -7.36 21.13 -1.15
CA LYS C 175 -7.05 22.55 -1.34
C LYS C 175 -7.01 23.31 -0.02
N ASP C 176 -8.10 23.35 0.74
CA ASP C 176 -8.12 24.08 2.00
C ASP C 176 -7.92 23.18 3.23
N SER C 177 -7.82 21.87 3.03
CA SER C 177 -7.43 20.92 4.09
C SER C 177 -8.42 20.92 5.25
N THR C 178 -9.71 20.88 4.92
CA THR C 178 -10.78 20.88 5.90
C THR C 178 -11.66 19.65 5.72
N TYR C 179 -12.21 19.19 6.82
CA TYR C 179 -13.15 18.07 6.80
C TYR C 179 -14.58 18.59 6.75
N SER C 180 -15.50 17.67 6.46
CA SER C 180 -16.93 17.95 6.52
C SER C 180 -17.64 16.72 7.05
N LEU C 181 -18.77 16.93 7.71
CA LEU C 181 -19.48 15.87 8.42
C LEU C 181 -20.98 15.92 8.10
N SER C 182 -21.57 14.74 7.93
CA SER C 182 -22.99 14.59 7.65
C SER C 182 -23.61 13.68 8.71
N SER C 183 -24.56 14.22 9.48
CA SER C 183 -25.26 13.47 10.51
C SER C 183 -26.72 13.34 10.10
N THR C 184 -27.26 12.13 10.22
CA THR C 184 -28.63 11.84 9.80
C THR C 184 -29.40 11.27 10.99
N LEU C 185 -30.39 12.03 11.46
CA LEU C 185 -31.28 11.58 12.53
C LEU C 185 -32.55 11.02 11.88
N THR C 186 -32.77 9.72 12.04
CA THR C 186 -33.88 9.03 11.40
C THR C 186 -34.92 8.65 12.46
N LEU C 187 -36.17 9.07 12.24
CA LEU C 187 -37.29 8.73 13.09
C LEU C 187 -38.47 8.32 12.22
N SER C 188 -39.43 7.64 12.83
CA SER C 188 -40.66 7.33 12.13
C SER C 188 -41.49 8.59 11.93
N LYS C 189 -42.42 8.54 10.97
CA LYS C 189 -43.32 9.67 10.78
C LYS C 189 -44.15 9.94 12.02
N ALA C 190 -44.49 8.89 12.77
CA ALA C 190 -45.25 9.06 14.00
C ALA C 190 -44.44 9.80 15.06
N ASP C 191 -43.25 9.30 15.38
CA ASP C 191 -42.40 9.94 16.38
C ASP C 191 -41.92 11.31 15.93
N TYR C 192 -41.91 11.58 14.63
CA TYR C 192 -41.50 12.90 14.15
C TYR C 192 -42.56 13.95 14.47
N GLU C 193 -43.81 13.66 14.13
CA GLU C 193 -44.89 14.60 14.40
C GLU C 193 -45.21 14.74 15.87
N LYS C 194 -44.69 13.85 16.72
CA LYS C 194 -44.89 13.93 18.17
C LYS C 194 -44.10 15.07 18.81
N HIS C 195 -43.27 15.79 18.05
CA HIS C 195 -42.40 16.81 18.62
C HIS C 195 -42.35 18.01 17.68
N LYS C 196 -41.65 19.06 18.10
CA LYS C 196 -41.63 20.31 17.35
C LYS C 196 -40.20 20.80 17.10
N VAL C 197 -39.42 20.94 18.16
CA VAL C 197 -38.07 21.50 18.05
C VAL C 197 -37.09 20.38 17.72
N TYR C 198 -36.31 20.59 16.65
CA TYR C 198 -35.29 19.65 16.22
C TYR C 198 -34.00 20.42 16.02
N ALA C 199 -32.94 20.02 16.72
CA ALA C 199 -31.67 20.73 16.68
C ALA C 199 -30.53 19.74 16.73
N CYS C 200 -29.34 20.22 16.34
CA CYS C 200 -28.10 19.48 16.52
C CYS C 200 -27.06 20.42 17.11
N GLU C 201 -26.47 20.00 18.22
CA GLU C 201 -25.50 20.81 18.96
C GLU C 201 -24.09 20.41 18.53
N VAL C 202 -23.33 21.36 18.01
CA VAL C 202 -21.98 21.12 17.52
C VAL C 202 -21.01 21.72 18.52
N THR C 203 -20.14 20.88 19.07
CA THR C 203 -19.03 21.32 19.91
C THR C 203 -17.73 21.01 19.17
N HIS C 204 -16.88 22.03 19.04
CA HIS C 204 -15.67 21.89 18.25
C HIS C 204 -14.64 22.89 18.77
N GLN C 205 -13.36 22.58 18.54
CA GLN C 205 -12.29 23.40 19.08
C GLN C 205 -12.36 24.84 18.57
N GLY C 206 -12.82 25.04 17.33
CA GLY C 206 -12.89 26.38 16.78
C GLY C 206 -14.07 27.18 17.29
N LEU C 207 -15.02 26.52 17.95
CA LEU C 207 -16.19 27.16 18.54
C LEU C 207 -15.94 27.40 20.01
N SER C 208 -16.01 28.67 20.43
CA SER C 208 -15.78 29.02 21.83
C SER C 208 -16.84 28.43 22.74
N SER C 209 -18.03 28.14 22.24
CA SER C 209 -19.09 27.50 23.00
C SER C 209 -19.90 26.66 22.04
N PRO C 210 -20.61 25.64 22.53
CA PRO C 210 -21.41 24.79 21.63
C PRO C 210 -22.44 25.60 20.86
N VAL C 211 -22.45 25.42 19.54
CA VAL C 211 -23.36 26.11 18.63
C VAL C 211 -24.50 25.16 18.28
N THR C 212 -25.72 25.72 18.19
CA THR C 212 -26.91 24.92 17.95
C THR C 212 -27.75 25.58 16.86
N LYS C 213 -28.10 24.80 15.84
CA LYS C 213 -29.05 25.21 14.81
C LYS C 213 -30.28 24.32 14.93
N SER C 214 -31.47 24.94 14.85
CA SER C 214 -32.72 24.24 15.10
C SER C 214 -33.78 24.66 14.11
N PHE C 215 -34.91 23.96 14.16
CA PHE C 215 -36.10 24.33 13.39
C PHE C 215 -37.33 23.76 14.07
N ASN C 216 -38.47 24.41 13.85
CA ASN C 216 -39.76 23.93 14.34
C ASN C 216 -40.54 23.30 13.21
N ARG C 217 -41.04 22.09 13.44
CA ARG C 217 -41.79 21.34 12.44
C ARG C 217 -43.02 22.09 11.96
C1 NAG D . 31.52 -3.13 -26.85
C2 NAG D . 32.72 -2.18 -26.66
C3 NAG D . 32.39 -0.79 -27.20
C4 NAG D . 31.84 -0.84 -28.62
C5 NAG D . 30.70 -1.85 -28.71
C6 NAG D . 30.24 -2.12 -30.13
C7 NAG D . 34.02 -2.84 -24.67
C8 NAG D . 34.24 -2.59 -23.20
N2 NAG D . 33.07 -2.10 -25.25
O3 NAG D . 33.58 -0.01 -27.17
O4 NAG D . 31.42 0.46 -29.01
O5 NAG D . 31.13 -3.12 -28.21
O6 NAG D . 30.59 -3.46 -30.47
O7 NAG D . 34.68 -3.66 -25.30
C1 NAG D . 32.05 0.98 -30.22
C2 NAG D . 31.08 1.98 -30.80
C3 NAG D . 31.64 2.57 -32.08
C4 NAG D . 33.02 3.20 -31.82
C5 NAG D . 33.94 2.17 -31.18
C6 NAG D . 35.24 2.79 -30.73
C7 NAG D . 28.79 1.42 -30.16
C8 NAG D . 27.51 0.73 -30.56
N2 NAG D . 29.78 1.37 -31.05
O3 NAG D . 30.73 3.56 -32.58
O4 NAG D . 33.57 3.67 -33.05
O5 NAG D . 33.34 1.61 -30.01
O6 NAG D . 36.13 1.77 -30.27
O7 NAG D . 28.91 1.99 -29.08
C1 FUC D . 30.22 -3.95 -31.78
C2 FUC D . 30.84 -3.14 -32.93
C3 FUC D . 32.37 -3.07 -32.78
C4 FUC D . 32.96 -4.49 -32.64
C5 FUC D . 32.14 -5.34 -31.63
C6 FUC D . 32.50 -6.82 -31.64
O2 FUC D . 30.25 -1.84 -33.12
O3 FUC D . 32.95 -2.47 -33.93
O4 FUC D . 32.98 -5.14 -33.90
O5 FUC D . 30.71 -5.25 -31.86
C1 NAG E . 22.64 -6.48 14.62
C2 NAG E . 24.17 -6.41 14.56
C3 NAG E . 24.66 -4.98 14.84
C4 NAG E . 23.98 -4.01 13.88
C5 NAG E . 22.47 -4.14 14.03
C6 NAG E . 21.70 -3.27 13.06
C7 NAG E . 24.99 -8.64 15.22
C8 NAG E . 25.61 -9.45 16.31
N2 NAG E . 24.77 -7.34 15.50
O3 NAG E . 26.07 -4.93 14.67
O4 NAG E . 24.38 -2.67 14.17
O5 NAG E . 22.08 -5.49 13.75
O6 NAG E . 20.62 -4.01 12.51
O7 NAG E . 24.69 -9.12 14.14
C1 FUC E . 19.71 -3.17 11.77
C2 FUC E . 18.77 -4.13 11.06
C3 FUC E . 18.02 -4.98 12.09
C4 FUC E . 17.24 -4.06 13.04
C5 FUC E . 18.17 -2.98 13.64
C6 FUC E . 17.40 -1.86 14.35
O2 FUC E . 19.46 -4.96 10.13
O3 FUC E . 17.08 -5.82 11.44
O4 FUC E . 16.18 -3.43 12.33
O5 FUC E . 18.99 -2.33 12.63
S SO4 F . -14.97 -4.45 -7.30
O1 SO4 F . -14.70 -5.86 -7.02
O2 SO4 F . -16.30 -4.11 -6.80
O3 SO4 F . -13.98 -3.62 -6.63
O4 SO4 F . -14.93 -4.22 -8.74
S SO4 G . -15.06 -8.88 -11.52
O1 SO4 G . -14.54 -9.98 -10.71
O2 SO4 G . -16.49 -8.75 -11.29
O3 SO4 G . -14.39 -7.64 -11.15
O4 SO4 G . -14.82 -9.17 -12.93
S SO4 H . 26.31 6.48 -4.06
O1 SO4 H . 25.71 5.56 -5.02
O2 SO4 H . 26.55 5.78 -2.80
O3 SO4 H . 27.57 7.00 -4.58
O4 SO4 H . 25.40 7.60 -3.82
S SO4 I . 18.39 1.99 -18.19
O1 SO4 I . 17.21 1.77 -19.03
O2 SO4 I . 18.11 1.53 -16.83
O3 SO4 I . 18.69 3.41 -18.17
O4 SO4 I . 19.53 1.26 -18.73
S SO4 J . 16.13 0.29 -11.45
O1 SO4 J . 16.69 -0.45 -12.57
O2 SO4 J . 15.03 -0.47 -10.85
O3 SO4 J . 17.18 0.50 -10.46
O4 SO4 J . 15.63 1.58 -11.91
S SO4 K . 9.26 -31.09 10.00
O1 SO4 K . 8.62 -31.60 8.79
O2 SO4 K . 8.39 -31.29 11.15
O3 SO4 K . 9.53 -29.66 9.84
O4 SO4 K . 10.53 -31.79 10.22
S SO4 L . 29.42 -18.74 -18.93
O1 SO4 L . 29.95 -20.01 -19.42
O2 SO4 L . 27.96 -18.84 -18.83
O3 SO4 L . 29.98 -18.46 -17.61
O4 SO4 L . 29.79 -17.68 -19.86
S SO4 M . 42.74 -13.78 -3.91
O1 SO4 M . 43.73 -14.74 -3.44
O2 SO4 M . 41.97 -14.37 -5.00
O3 SO4 M . 43.42 -12.58 -4.39
O4 SO4 M . 41.85 -13.43 -2.81
S SO4 N . 14.99 -8.47 -2.32
O1 SO4 N . 13.69 -8.26 -2.98
O2 SO4 N . 14.80 -9.14 -1.04
O3 SO4 N . 15.60 -7.16 -2.08
O4 SO4 N . 15.85 -9.27 -3.18
S SO4 O . 15.93 3.87 -4.35
O1 SO4 O . 16.14 4.16 -2.93
O2 SO4 O . 14.73 3.05 -4.50
O3 SO4 O . 15.77 5.09 -5.15
O4 SO4 O . 17.11 3.21 -4.89
S SO4 P . 2.35 -17.22 19.35
O1 SO4 P . 3.45 -17.81 18.58
O2 SO4 P . 1.46 -18.28 19.82
O3 SO4 P . 2.91 -16.51 20.51
O4 SO4 P . 1.62 -16.28 18.52
S SO4 Q . 1.64 6.61 -4.70
O1 SO4 Q . 2.33 5.83 -5.72
O2 SO4 Q . 0.46 5.88 -4.23
O3 SO4 Q . 2.54 6.86 -3.58
O4 SO4 Q . 1.21 7.88 -5.28
S SO4 R . -9.46 3.35 2.24
O1 SO4 R . -10.06 2.11 2.72
O2 SO4 R . -10.52 4.31 1.94
O3 SO4 R . -8.59 3.90 3.27
O4 SO4 R . -8.68 3.08 1.04
S SO4 S . 13.34 11.32 -3.35
O1 SO4 S . 12.94 10.00 -3.82
O2 SO4 S . 14.06 11.18 -2.08
O3 SO4 S . 12.17 12.16 -3.16
O4 SO4 S . 14.22 11.94 -4.35
S SO4 T . -8.30 29.32 4.71
O1 SO4 T . -7.75 29.10 6.04
O2 SO4 T . -9.66 28.80 4.64
O3 SO4 T . -7.45 28.65 3.72
O4 SO4 T . -8.32 30.76 4.44
#